data_5OJR
#
_entry.id   5OJR
#
_cell.length_a   97.320
_cell.length_b   60.460
_cell.length_c   103.460
_cell.angle_alpha   90.00
_cell.angle_beta   96.78
_cell.angle_gamma   90.00
#
_symmetry.space_group_name_H-M   'P 1 21 1'
#
loop_
_entity.id
_entity.type
_entity.pdbx_description
1 polymer 'Ycf48-like protein'
2 polymer 'Photosystem II protein D1 3'
3 water water
#
loop_
_entity_poly.entity_id
_entity_poly.type
_entity_poly.pdbx_seq_one_letter_code
_entity_poly.pdbx_strand_id
1 'polypeptide(L)'
;MRGSHHHHHHGLVPRGSIPALDYNPWEAIQLPTTATILDMSFIDRHHGWLVGVNATLMETRDGGQTWEPRTLVLDHSDYR
FNSVSFQGNEGWIVGEPPIMLHTTDGGQSWSQIPLDPKLPGSPRLIKALGNGSAEMITNVGAIYRTKDSGKNWQALVQEA
IGVMRNLNRSPSGEYVAVSSRGSFYSTWEPGQTAWEPHNRTTSRRLHNMGFTPDGRLWMIVNGGKIAFSDPDNSENWGEL
LSPLRRNSVGFLDLAYRTPNEVWLAGGAGALLCSQDGGQTWQQDVDVKKVPSNFYKILFFSPDQGFILGQKGILLRYVTD
LTAAPA
;
A,B,C,D
2 'polypeptide(L)' NAHNFPLDLASAESAPVA E,F
#
# COMPACT_ATOMS: atom_id res chain seq x y z
N HIS A 10 38.57 -12.93 -11.17
CA HIS A 10 37.63 -13.10 -12.27
C HIS A 10 37.53 -11.85 -13.16
N GLY A 11 37.39 -12.08 -14.46
CA GLY A 11 37.17 -10.99 -15.41
C GLY A 11 38.33 -10.05 -15.68
N LEU A 12 39.55 -10.55 -15.75
CA LEU A 12 40.70 -9.73 -16.12
C LEU A 12 40.79 -9.57 -17.63
N VAL A 13 40.80 -8.34 -18.09
CA VAL A 13 40.77 -8.01 -19.52
C VAL A 13 42.17 -7.58 -19.93
N PRO A 14 42.75 -8.18 -20.97
CA PRO A 14 44.14 -7.87 -21.34
C PRO A 14 44.28 -6.54 -22.07
N ARG A 15 45.53 -6.05 -22.09
CA ARG A 15 45.88 -4.87 -22.86
C ARG A 15 45.54 -5.07 -24.34
N GLY A 16 45.09 -3.99 -25.00
CA GLY A 16 44.79 -3.98 -26.41
C GLY A 16 43.32 -4.13 -26.71
N SER A 17 42.52 -4.37 -25.70
CA SER A 17 41.07 -4.42 -25.78
C SER A 17 40.56 -3.04 -26.17
N ILE A 18 39.24 -2.91 -26.32
CA ILE A 18 38.65 -1.62 -26.67
C ILE A 18 38.73 -0.78 -25.40
N PRO A 19 38.71 0.55 -25.52
CA PRO A 19 38.82 1.37 -24.31
C PRO A 19 37.74 1.01 -23.27
N ALA A 20 38.13 1.10 -22.00
CA ALA A 20 37.25 0.78 -20.89
C ALA A 20 36.51 2.01 -20.38
N LEU A 21 35.28 1.79 -19.93
CA LEU A 21 34.49 2.82 -19.28
C LEU A 21 35.11 3.19 -17.93
N ASP A 22 35.17 4.51 -17.61
CA ASP A 22 35.83 4.88 -16.34
C ASP A 22 35.03 4.41 -15.15
N TYR A 23 33.73 4.14 -15.33
CA TYR A 23 32.84 3.94 -14.20
C TYR A 23 31.98 2.74 -14.48
N ASN A 24 31.61 2.04 -13.43
CA ASN A 24 30.63 0.96 -13.59
C ASN A 24 29.37 1.34 -12.83
N PRO A 25 28.27 1.64 -13.51
CA PRO A 25 27.02 1.96 -12.81
C PRO A 25 26.14 0.75 -12.49
N TRP A 26 26.59 -0.48 -12.75
CA TRP A 26 25.79 -1.68 -12.58
C TRP A 26 26.26 -2.47 -11.37
N GLU A 27 25.32 -2.89 -10.54
CA GLU A 27 25.58 -3.76 -9.40
C GLU A 27 24.89 -5.10 -9.61
N ALA A 28 25.63 -6.17 -9.42
CA ALA A 28 25.08 -7.51 -9.58
C ALA A 28 24.27 -7.88 -8.35
N ILE A 29 23.10 -8.47 -8.58
CA ILE A 29 22.22 -8.96 -7.53
C ILE A 29 21.97 -10.43 -7.78
N GLN A 30 22.02 -11.23 -6.72
CA GLN A 30 21.63 -12.63 -6.74
C GLN A 30 20.21 -12.74 -6.19
N LEU A 31 19.27 -13.17 -7.03
CA LEU A 31 17.92 -13.43 -6.56
C LEU A 31 17.88 -14.72 -5.75
N PRO A 32 16.86 -14.89 -4.87
CA PRO A 32 16.74 -16.14 -4.10
C PRO A 32 16.21 -17.30 -4.94
N THR A 33 16.82 -17.51 -6.10
CA THR A 33 16.42 -18.54 -7.03
C THR A 33 17.54 -18.74 -8.04
N THR A 34 17.56 -19.92 -8.66
CA THR A 34 18.39 -20.14 -9.84
C THR A 34 17.58 -20.09 -11.12
N ALA A 35 16.31 -19.69 -11.04
CA ALA A 35 15.50 -19.61 -12.25
C ALA A 35 16.00 -18.46 -13.11
N THR A 36 15.99 -18.67 -14.44
CA THR A 36 16.27 -17.59 -15.38
C THR A 36 15.10 -16.60 -15.38
N ILE A 37 15.41 -15.32 -15.27
CA ILE A 37 14.41 -14.26 -15.30
C ILE A 37 14.23 -13.79 -16.73
N LEU A 38 12.96 -13.57 -17.13
CA LEU A 38 12.65 -13.26 -18.52
C LEU A 38 12.09 -11.85 -18.74
N ASP A 39 11.47 -11.22 -17.75
CA ASP A 39 10.91 -9.90 -17.97
C ASP A 39 10.68 -9.24 -16.62
N MET A 40 10.47 -7.93 -16.67
CA MET A 40 10.30 -7.11 -15.48
C MET A 40 9.44 -5.92 -15.88
N SER A 41 8.65 -5.40 -14.93
CA SER A 41 7.86 -4.20 -15.16
C SER A 41 7.63 -3.48 -13.83
N PHE A 42 7.58 -2.14 -13.86
CA PHE A 42 7.39 -1.34 -12.66
C PHE A 42 6.04 -0.63 -12.64
N ILE A 43 5.44 -0.53 -11.46
CA ILE A 43 4.24 0.30 -11.29
C ILE A 43 4.63 1.77 -11.13
N ASP A 44 5.61 2.05 -10.28
CA ASP A 44 6.13 3.38 -10.06
C ASP A 44 7.64 3.22 -9.81
N ARG A 45 8.27 4.24 -9.22
CA ARG A 45 9.72 4.16 -9.07
C ARG A 45 10.14 3.05 -8.10
N HIS A 46 9.28 2.66 -7.15
CA HIS A 46 9.67 1.70 -6.12
C HIS A 46 9.08 0.31 -6.25
N HIS A 47 7.87 0.19 -6.78
CA HIS A 47 7.09 -1.05 -6.71
C HIS A 47 7.12 -1.69 -8.09
N GLY A 48 7.70 -2.89 -8.17
CA GLY A 48 7.87 -3.56 -9.44
C GLY A 48 7.78 -5.07 -9.30
N TRP A 49 7.76 -5.73 -10.47
CA TRP A 49 7.58 -7.18 -10.55
C TRP A 49 8.49 -7.76 -11.60
N LEU A 50 8.93 -9.00 -11.37
CA LEU A 50 9.72 -9.71 -12.37
C LEU A 50 9.18 -11.13 -12.50
N VAL A 51 9.39 -11.74 -13.68
CA VAL A 51 8.86 -13.07 -13.97
C VAL A 51 9.93 -13.88 -14.69
N GLY A 52 9.81 -15.19 -14.60
CA GLY A 52 10.74 -16.03 -15.31
C GLY A 52 10.31 -17.47 -15.47
N VAL A 53 11.33 -18.32 -15.69
CA VAL A 53 11.05 -19.73 -15.92
C VAL A 53 10.56 -20.40 -14.64
N ASN A 54 9.92 -21.56 -14.81
CA ASN A 54 9.31 -22.32 -13.70
C ASN A 54 8.35 -21.45 -12.90
N ALA A 55 7.57 -20.64 -13.61
CA ALA A 55 6.51 -19.82 -13.01
C ALA A 55 7.06 -18.93 -11.89
N THR A 56 8.28 -18.44 -12.08
CA THR A 56 8.89 -17.56 -11.10
C THR A 56 8.20 -16.19 -11.14
N LEU A 57 7.83 -15.69 -9.97
CA LEU A 57 7.18 -14.39 -9.83
C LEU A 57 7.71 -13.74 -8.57
N MET A 58 8.29 -12.55 -8.69
CA MET A 58 8.86 -11.89 -7.53
C MET A 58 8.50 -10.41 -7.54
N GLU A 59 8.42 -9.84 -6.34
CA GLU A 59 7.97 -8.47 -6.14
C GLU A 59 9.04 -7.65 -5.44
N THR A 60 9.24 -6.41 -5.90
CA THR A 60 10.05 -5.44 -5.16
C THR A 60 9.20 -4.25 -4.73
N ARG A 61 9.57 -3.69 -3.58
CA ARG A 61 8.96 -2.43 -3.11
C ARG A 61 10.02 -1.39 -2.76
N ASP A 62 11.30 -1.68 -3.01
CA ASP A 62 12.37 -0.70 -2.81
C ASP A 62 13.09 -0.40 -4.12
N GLY A 63 12.38 -0.41 -5.24
CA GLY A 63 13.02 -0.09 -6.51
C GLY A 63 13.92 -1.18 -7.08
N GLY A 64 13.78 -2.42 -6.61
CA GLY A 64 14.57 -3.51 -7.15
C GLY A 64 15.86 -3.81 -6.42
N GLN A 65 16.09 -3.18 -5.26
CA GLN A 65 17.23 -3.58 -4.44
C GLN A 65 16.99 -4.95 -3.83
N THR A 66 15.75 -5.23 -3.40
CA THR A 66 15.41 -6.55 -2.84
C THR A 66 14.13 -7.06 -3.47
N TRP A 67 14.05 -8.39 -3.61
CA TRP A 67 12.93 -9.01 -4.27
C TRP A 67 12.36 -10.14 -3.43
N GLU A 68 11.02 -10.26 -3.35
CA GLU A 68 10.47 -11.41 -2.62
C GLU A 68 9.57 -12.25 -3.53
N PRO A 69 9.73 -13.56 -3.46
CA PRO A 69 8.86 -14.48 -4.21
C PRO A 69 7.42 -14.31 -3.76
N ARG A 70 6.51 -14.46 -4.71
CA ARG A 70 5.09 -14.46 -4.44
C ARG A 70 4.52 -15.81 -4.87
N THR A 71 3.71 -16.41 -3.98
CA THR A 71 3.12 -17.71 -4.21
C THR A 71 1.96 -17.64 -5.18
N LEU A 72 1.95 -18.52 -6.17
CA LEU A 72 0.79 -18.70 -7.04
C LEU A 72 0.35 -20.15 -6.95
N VAL A 73 -0.96 -20.35 -7.04
CA VAL A 73 -1.53 -21.69 -7.05
C VAL A 73 -1.94 -21.99 -8.48
N LEU A 74 -1.11 -22.70 -9.21
CA LEU A 74 -1.44 -23.03 -10.59
C LEU A 74 -1.60 -24.53 -10.69
N ASP A 75 -2.03 -25.00 -11.86
CA ASP A 75 -2.18 -26.44 -12.04
C ASP A 75 -0.82 -27.13 -12.19
N HIS A 76 0.22 -26.41 -12.58
CA HIS A 76 1.59 -26.93 -12.49
C HIS A 76 2.54 -25.74 -12.48
N SER A 77 3.81 -26.04 -12.22
CA SER A 77 4.80 -24.98 -12.08
C SER A 77 5.80 -24.96 -13.21
N ASP A 78 5.48 -25.60 -14.34
CA ASP A 78 6.39 -25.67 -15.47
C ASP A 78 6.27 -24.50 -16.43
N TYR A 79 5.46 -23.50 -16.12
CA TYR A 79 5.24 -22.40 -17.06
C TYR A 79 6.48 -21.52 -17.20
N ARG A 80 6.74 -21.11 -18.42
CA ARG A 80 7.74 -20.10 -18.71
C ARG A 80 7.01 -18.76 -18.82
N PHE A 81 7.14 -17.89 -17.81
CA PHE A 81 6.53 -16.58 -17.86
C PHE A 81 7.39 -15.66 -18.73
N ASN A 82 6.89 -15.32 -19.92
CA ASN A 82 7.61 -14.61 -20.98
C ASN A 82 7.61 -13.10 -20.84
N SER A 83 6.53 -12.54 -20.27
CA SER A 83 6.34 -11.11 -20.36
C SER A 83 5.43 -10.66 -19.22
N VAL A 84 5.78 -9.55 -18.60
CA VAL A 84 4.97 -8.91 -17.57
C VAL A 84 4.92 -7.41 -17.86
N SER A 85 3.75 -6.82 -17.63
CA SER A 85 3.56 -5.43 -17.97
C SER A 85 2.56 -4.82 -17.00
N PHE A 86 2.93 -3.70 -16.37
CA PHE A 86 2.00 -2.95 -15.53
C PHE A 86 1.79 -1.56 -16.09
N GLN A 87 0.54 -1.09 -16.02
CA GLN A 87 0.22 0.31 -16.24
C GLN A 87 -0.58 0.74 -15.03
N GLY A 88 0.03 1.51 -14.15
CA GLY A 88 -0.60 1.76 -12.86
C GLY A 88 -0.71 0.46 -12.09
N ASN A 89 -1.85 0.28 -11.41
CA ASN A 89 -2.08 -0.92 -10.60
C ASN A 89 -2.56 -2.13 -11.42
N GLU A 90 -2.75 -1.98 -12.71
CA GLU A 90 -3.20 -3.10 -13.53
C GLU A 90 -1.98 -3.80 -14.14
N GLY A 91 -1.86 -5.09 -13.89
CA GLY A 91 -0.72 -5.84 -14.38
C GLY A 91 -1.18 -7.11 -15.06
N TRP A 92 -0.36 -7.57 -16.00
CA TRP A 92 -0.62 -8.72 -16.84
C TRP A 92 0.66 -9.54 -16.96
N ILE A 93 0.51 -10.86 -17.00
CA ILE A 93 1.62 -11.78 -17.27
C ILE A 93 1.15 -12.79 -18.33
N VAL A 94 2.00 -13.07 -19.33
CA VAL A 94 1.72 -14.17 -20.24
C VAL A 94 2.91 -15.11 -20.26
N GLY A 95 2.62 -16.35 -20.64
CA GLY A 95 3.65 -17.36 -20.62
C GLY A 95 3.27 -18.53 -21.50
N GLU A 96 4.17 -19.52 -21.52
CA GLU A 96 4.03 -20.71 -22.32
C GLU A 96 4.28 -21.94 -21.47
N PRO A 97 3.48 -23.03 -21.62
CA PRO A 97 2.29 -23.16 -22.49
C PRO A 97 1.23 -22.12 -22.09
N PRO A 98 0.30 -21.79 -23.00
CA PRO A 98 -0.47 -20.55 -22.88
C PRO A 98 -1.01 -20.31 -21.49
N ILE A 99 -0.61 -19.20 -20.87
CA ILE A 99 -1.16 -18.81 -19.58
C ILE A 99 -1.23 -17.28 -19.54
N MET A 100 -2.25 -16.76 -18.88
CA MET A 100 -2.38 -15.34 -18.67
C MET A 100 -2.89 -15.08 -17.26
N LEU A 101 -2.19 -14.20 -16.56
CA LEU A 101 -2.53 -13.76 -15.23
C LEU A 101 -2.75 -12.25 -15.26
N HIS A 102 -3.61 -11.79 -14.38
CA HIS A 102 -4.07 -10.42 -14.37
C HIS A 102 -4.30 -9.95 -12.94
N THR A 103 -3.93 -8.70 -12.66
CA THR A 103 -4.20 -8.06 -11.38
C THR A 103 -4.70 -6.65 -11.64
N THR A 104 -5.55 -6.18 -10.73
CA THR A 104 -6.01 -4.80 -10.77
C THR A 104 -5.66 -4.04 -9.50
N ASP A 105 -4.91 -4.66 -8.58
CA ASP A 105 -4.60 -4.03 -7.30
C ASP A 105 -3.09 -4.01 -7.04
N GLY A 106 -2.29 -3.86 -8.11
CA GLY A 106 -0.86 -3.80 -7.96
C GLY A 106 -0.20 -5.13 -7.68
N GLY A 107 -0.88 -6.24 -7.94
CA GLY A 107 -0.31 -7.54 -7.66
C GLY A 107 -0.59 -8.09 -6.27
N GLN A 108 -1.49 -7.46 -5.49
CA GLN A 108 -1.92 -8.07 -4.24
C GLN A 108 -2.61 -9.40 -4.50
N SER A 109 -3.57 -9.40 -5.42
CA SER A 109 -4.30 -10.59 -5.82
C SER A 109 -4.16 -10.77 -7.32
N TRP A 110 -4.11 -12.03 -7.75
CA TRP A 110 -3.96 -12.39 -9.15
C TRP A 110 -5.04 -13.38 -9.56
N SER A 111 -5.50 -13.26 -10.79
CA SER A 111 -6.44 -14.18 -11.38
C SER A 111 -5.85 -14.75 -12.65
N GLN A 112 -6.18 -16.02 -12.93
CA GLN A 112 -5.83 -16.61 -14.21
C GLN A 112 -6.99 -16.36 -15.16
N ILE A 113 -6.67 -15.83 -16.33
CA ILE A 113 -7.67 -15.65 -17.38
C ILE A 113 -7.48 -16.81 -18.35
N PRO A 114 -8.42 -17.77 -18.40
CA PRO A 114 -8.25 -18.86 -19.36
C PRO A 114 -8.22 -18.29 -20.75
N LEU A 115 -7.27 -18.73 -21.53
CA LEU A 115 -7.11 -18.21 -22.88
C LEU A 115 -7.92 -19.07 -23.82
N ASP A 116 -8.64 -18.41 -24.71
CA ASP A 116 -9.46 -19.07 -25.71
C ASP A 116 -8.62 -20.14 -26.41
N PRO A 117 -9.12 -21.37 -26.51
CA PRO A 117 -8.33 -22.42 -27.16
C PRO A 117 -8.07 -22.14 -28.63
N LYS A 118 -8.77 -21.18 -29.24
CA LYS A 118 -8.48 -20.74 -30.62
C LYS A 118 -7.27 -19.82 -30.71
N LEU A 119 -6.71 -19.38 -29.59
CA LEU A 119 -5.52 -18.53 -29.64
C LEU A 119 -4.47 -19.16 -30.57
N PRO A 120 -3.96 -18.41 -31.57
CA PRO A 120 -2.94 -18.93 -32.49
C PRO A 120 -1.54 -18.81 -31.89
N GLY A 121 -0.92 -19.94 -31.63
CA GLY A 121 0.45 -19.90 -31.10
C GLY A 121 0.50 -19.59 -29.62
N SER A 122 1.68 -19.32 -29.15
CA SER A 122 1.69 -19.08 -27.72
C SER A 122 2.08 -17.63 -27.41
N PRO A 123 1.59 -17.09 -26.29
CA PRO A 123 1.84 -15.67 -26.00
C PRO A 123 3.32 -15.41 -25.80
N ARG A 124 3.81 -14.33 -26.40
CA ARG A 124 5.19 -13.91 -26.20
C ARG A 124 5.32 -12.56 -25.55
N LEU A 125 4.32 -11.70 -25.67
CA LEU A 125 4.45 -10.35 -25.14
C LEU A 125 3.06 -9.88 -24.76
N ILE A 126 2.94 -9.22 -23.62
CA ILE A 126 1.72 -8.50 -23.29
C ILE A 126 2.12 -7.07 -22.91
N LYS A 127 1.28 -6.12 -23.31
CA LYS A 127 1.49 -4.70 -23.05
C LYS A 127 0.27 -4.13 -22.33
N ALA A 128 0.46 -3.69 -21.10
CA ALA A 128 -0.62 -3.07 -20.35
C ALA A 128 -0.85 -1.66 -20.89
N LEU A 129 -2.11 -1.33 -21.22
CA LEU A 129 -2.44 0.02 -21.65
C LEU A 129 -3.17 0.81 -20.56
N GLY A 130 -3.47 0.18 -19.44
CA GLY A 130 -4.18 0.85 -18.37
C GLY A 130 -5.69 0.79 -18.54
N ASN A 131 -6.39 0.94 -17.41
CA ASN A 131 -7.84 1.08 -17.36
C ASN A 131 -8.57 0.01 -18.18
N GLY A 132 -8.14 -1.25 -18.02
CA GLY A 132 -8.81 -2.39 -18.64
C GLY A 132 -8.37 -2.78 -20.03
N SER A 133 -7.42 -2.06 -20.64
CA SER A 133 -6.98 -2.40 -21.98
C SER A 133 -5.55 -2.95 -21.96
N ALA A 134 -5.27 -3.83 -22.92
CA ALA A 134 -3.97 -4.46 -23.11
C ALA A 134 -3.92 -5.03 -24.52
N GLU A 135 -2.71 -5.22 -25.03
CA GLU A 135 -2.54 -5.99 -26.25
C GLU A 135 -1.51 -7.10 -26.05
N MET A 136 -1.74 -8.19 -26.74
CA MET A 136 -0.96 -9.40 -26.58
C MET A 136 -0.51 -9.85 -27.97
N ILE A 137 0.74 -10.35 -28.07
CA ILE A 137 1.26 -10.87 -29.33
C ILE A 137 1.75 -12.29 -29.09
N THR A 138 1.46 -13.18 -30.04
CA THR A 138 1.93 -14.56 -29.99
C THR A 138 3.17 -14.79 -30.86
N ASN A 139 3.75 -15.98 -30.73
CA ASN A 139 5.00 -16.26 -31.44
C ASN A 139 4.79 -16.33 -32.94
N VAL A 140 3.55 -16.51 -33.41
CA VAL A 140 3.28 -16.50 -34.84
C VAL A 140 2.78 -15.14 -35.32
N GLY A 141 2.90 -14.12 -34.47
CA GLY A 141 2.61 -12.77 -34.90
C GLY A 141 1.15 -12.34 -34.83
N ALA A 142 0.30 -13.14 -34.17
CA ALA A 142 -1.07 -12.74 -33.93
C ALA A 142 -1.08 -11.66 -32.86
N ILE A 143 -1.90 -10.62 -33.07
CA ILE A 143 -1.98 -9.47 -32.18
C ILE A 143 -3.44 -9.30 -31.78
N TYR A 144 -3.70 -9.26 -30.48
CA TYR A 144 -5.04 -9.13 -29.94
C TYR A 144 -5.06 -8.01 -28.92
N ARG A 145 -6.15 -7.23 -28.96
CA ARG A 145 -6.38 -6.17 -27.99
C ARG A 145 -7.63 -6.46 -27.16
N THR A 146 -7.55 -6.23 -25.85
CA THR A 146 -8.74 -6.23 -25.02
C THR A 146 -8.99 -4.82 -24.49
N LYS A 147 -10.28 -4.50 -24.29
CA LYS A 147 -10.66 -3.27 -23.61
C LYS A 147 -11.46 -3.51 -22.35
N ASP A 148 -11.74 -4.76 -22.00
CA ASP A 148 -12.60 -5.09 -20.87
C ASP A 148 -11.93 -6.11 -19.97
N SER A 149 -10.67 -5.82 -19.62
CA SER A 149 -9.91 -6.57 -18.64
C SER A 149 -9.75 -8.03 -19.06
N GLY A 150 -9.69 -8.27 -20.35
CA GLY A 150 -9.35 -9.58 -20.86
C GLY A 150 -10.50 -10.51 -21.09
N LYS A 151 -11.75 -10.05 -20.94
CA LYS A 151 -12.89 -10.92 -21.23
C LYS A 151 -13.02 -11.17 -22.73
N ASN A 152 -12.84 -10.14 -23.54
CA ASN A 152 -12.92 -10.24 -25.00
C ASN A 152 -11.65 -9.68 -25.66
N TRP A 153 -11.23 -10.33 -26.73
CA TRP A 153 -10.05 -9.90 -27.49
C TRP A 153 -10.43 -9.75 -28.96
N GLN A 154 -9.92 -8.71 -29.61
CA GLN A 154 -10.11 -8.49 -31.03
C GLN A 154 -8.79 -8.54 -31.76
N ALA A 155 -8.78 -9.18 -32.94
CA ALA A 155 -7.54 -9.24 -33.71
C ALA A 155 -7.23 -7.88 -34.32
N LEU A 156 -5.98 -7.45 -34.19
CA LEU A 156 -5.46 -6.24 -34.80
C LEU A 156 -4.73 -6.53 -36.10
N VAL A 157 -4.38 -7.80 -36.36
CA VAL A 157 -3.77 -8.20 -37.61
C VAL A 157 -4.41 -9.53 -37.95
N GLN A 158 -4.51 -9.82 -39.25
CA GLN A 158 -5.19 -11.01 -39.73
C GLN A 158 -4.27 -12.11 -40.24
N GLU A 159 -3.04 -11.79 -40.62
CA GLU A 159 -2.21 -12.69 -41.39
C GLU A 159 -0.74 -12.49 -41.07
N ALA A 160 0.02 -13.58 -41.03
CA ALA A 160 1.46 -13.48 -40.83
C ALA A 160 2.11 -14.72 -41.43
N ILE A 161 3.45 -14.68 -41.50
CA ILE A 161 4.26 -15.77 -42.05
C ILE A 161 5.28 -16.21 -41.00
N GLY A 162 5.30 -17.51 -40.70
CA GLY A 162 6.39 -18.06 -39.92
C GLY A 162 6.34 -17.67 -38.45
N VAL A 163 7.32 -18.18 -37.73
CA VAL A 163 7.49 -17.92 -36.31
C VAL A 163 8.36 -16.70 -36.10
N MET A 164 7.93 -15.80 -35.23
CA MET A 164 8.61 -14.56 -34.88
C MET A 164 9.51 -14.76 -33.67
N ARG A 165 10.52 -13.91 -33.57
CA ARG A 165 11.46 -13.98 -32.46
C ARG A 165 11.82 -12.57 -32.02
N ASN A 166 12.04 -12.40 -30.72
CA ASN A 166 12.54 -11.15 -30.18
C ASN A 166 11.63 -9.96 -30.53
N LEU A 167 10.33 -10.13 -30.32
CA LEU A 167 9.37 -9.06 -30.57
C LEU A 167 9.77 -7.79 -29.85
N ASN A 168 9.64 -6.65 -30.54
CA ASN A 168 9.86 -5.35 -29.91
C ASN A 168 8.76 -4.39 -30.35
N ARG A 169 8.33 -3.53 -29.42
CA ARG A 169 7.24 -2.61 -29.65
C ARG A 169 7.77 -1.18 -29.63
N SER A 170 7.30 -0.35 -30.53
CA SER A 170 7.68 1.06 -30.57
C SER A 170 6.80 1.87 -29.64
N PRO A 171 7.19 3.13 -29.34
CA PRO A 171 6.31 3.99 -28.54
C PRO A 171 4.93 4.21 -29.17
N SER A 172 4.82 4.22 -30.49
CA SER A 172 3.52 4.40 -31.10
C SER A 172 2.79 3.09 -31.39
N GLY A 173 3.24 1.97 -30.82
CA GLY A 173 2.48 0.74 -30.96
C GLY A 173 2.82 -0.06 -32.20
N GLU A 174 3.93 0.22 -32.86
CA GLU A 174 4.42 -0.59 -33.96
C GLU A 174 5.20 -1.80 -33.42
N TYR A 175 5.30 -2.85 -34.24
CA TYR A 175 6.08 -4.00 -33.84
C TYR A 175 7.10 -4.33 -34.92
N VAL A 176 8.25 -4.85 -34.49
CA VAL A 176 9.25 -5.43 -35.37
C VAL A 176 9.65 -6.77 -34.78
N ALA A 177 9.87 -7.76 -35.65
CA ALA A 177 10.23 -9.10 -35.24
C ALA A 177 11.19 -9.72 -36.23
N VAL A 178 12.19 -10.45 -35.71
CA VAL A 178 13.12 -11.24 -36.51
C VAL A 178 12.53 -12.63 -36.69
N SER A 179 12.67 -13.22 -37.89
CA SER A 179 12.16 -14.58 -38.08
C SER A 179 12.95 -15.59 -37.25
N SER A 180 12.35 -16.77 -37.05
CA SER A 180 12.90 -17.80 -36.15
C SER A 180 14.28 -18.28 -36.58
N ARG A 181 14.64 -18.10 -37.84
CA ARG A 181 15.96 -18.49 -38.32
C ARG A 181 16.81 -17.28 -38.66
N GLY A 182 16.34 -16.07 -38.36
CA GLY A 182 17.07 -14.85 -38.65
C GLY A 182 17.28 -14.57 -40.12
N SER A 183 16.51 -15.20 -41.00
CA SER A 183 16.72 -15.00 -42.42
C SER A 183 16.11 -13.72 -42.94
N PHE A 184 15.12 -13.19 -42.24
CA PHE A 184 14.44 -11.94 -42.61
C PHE A 184 13.79 -11.37 -41.35
N TYR A 185 13.13 -10.22 -41.50
CA TYR A 185 12.41 -9.64 -40.38
C TYR A 185 11.07 -9.10 -40.88
N SER A 186 10.14 -8.84 -39.95
CA SER A 186 8.82 -8.30 -40.33
C SER A 186 8.42 -7.12 -39.46
N THR A 187 7.61 -6.23 -40.02
CA THR A 187 7.09 -5.06 -39.33
C THR A 187 5.58 -5.02 -39.43
N TRP A 188 4.97 -4.38 -38.45
CA TRP A 188 3.53 -4.18 -38.44
C TRP A 188 3.21 -2.87 -37.73
N GLU A 189 2.20 -2.17 -38.22
CA GLU A 189 1.72 -1.00 -37.51
C GLU A 189 0.21 -0.98 -37.60
N PRO A 190 -0.46 -0.30 -36.69
CA PRO A 190 -1.93 -0.34 -36.67
C PRO A 190 -2.52 0.00 -38.03
N GLY A 191 -3.57 -0.76 -38.41
CA GLY A 191 -4.22 -0.61 -39.69
C GLY A 191 -3.76 -1.59 -40.75
N GLN A 192 -2.69 -2.33 -40.51
CA GLN A 192 -2.19 -3.30 -41.47
C GLN A 192 -2.88 -4.63 -41.25
N THR A 193 -3.36 -5.24 -42.33
CA THR A 193 -4.05 -6.52 -42.19
C THR A 193 -3.05 -7.65 -42.09
N ALA A 194 -1.80 -7.42 -42.48
CA ALA A 194 -0.77 -8.44 -42.43
C ALA A 194 0.53 -7.78 -42.00
N TRP A 195 1.38 -8.57 -41.36
CA TRP A 195 2.77 -8.14 -41.22
C TRP A 195 3.38 -7.97 -42.60
N GLU A 196 4.33 -7.07 -42.72
CA GLU A 196 5.09 -6.95 -43.96
C GLU A 196 6.50 -7.48 -43.76
N PRO A 197 6.89 -8.56 -44.43
CA PRO A 197 8.24 -9.07 -44.30
C PRO A 197 9.24 -8.23 -45.10
N HIS A 198 10.47 -8.18 -44.57
CA HIS A 198 11.56 -7.46 -45.19
C HIS A 198 12.73 -8.42 -45.30
N ASN A 199 13.43 -8.37 -46.43
CA ASN A 199 14.65 -9.16 -46.56
C ASN A 199 15.74 -8.48 -45.74
N ARG A 200 16.59 -9.27 -45.10
CA ARG A 200 17.78 -8.73 -44.45
C ARG A 200 18.79 -8.23 -45.47
N THR A 201 19.65 -7.30 -45.02
CA THR A 201 20.65 -6.62 -45.84
C THR A 201 22.09 -7.09 -45.60
N THR A 202 22.33 -8.02 -44.66
CA THR A 202 23.63 -8.65 -44.42
C THR A 202 23.55 -10.17 -44.66
N SER A 203 24.68 -10.77 -45.06
CA SER A 203 24.79 -12.23 -45.09
C SER A 203 24.57 -12.83 -43.74
N ARG A 204 24.98 -12.12 -42.73
CA ARG A 204 24.91 -12.63 -41.39
C ARG A 204 23.46 -12.66 -40.96
N ARG A 205 23.09 -13.73 -40.26
CA ARG A 205 21.71 -13.92 -39.79
C ARG A 205 21.37 -12.87 -38.76
N LEU A 206 20.10 -12.46 -38.76
CA LEU A 206 19.60 -11.48 -37.80
C LEU A 206 19.36 -12.14 -36.46
N HIS A 207 19.81 -11.51 -35.38
CA HIS A 207 19.54 -12.02 -34.04
C HIS A 207 18.50 -11.21 -33.27
N ASN A 208 18.49 -9.88 -33.39
CA ASN A 208 17.53 -9.05 -32.68
C ASN A 208 17.36 -7.72 -33.41
N MET A 209 16.19 -7.11 -33.25
CA MET A 209 15.93 -5.77 -33.78
C MET A 209 14.99 -5.02 -32.85
N GLY A 210 15.15 -3.70 -32.82
CA GLY A 210 14.26 -2.83 -32.07
C GLY A 210 14.34 -1.40 -32.59
N PHE A 211 13.75 -0.49 -31.80
CA PHE A 211 13.56 0.90 -32.20
C PHE A 211 14.52 1.83 -31.45
N THR A 212 14.96 2.88 -32.11
CA THR A 212 15.76 3.91 -31.46
C THR A 212 14.83 4.99 -30.90
N PRO A 213 15.34 5.90 -30.04
CA PRO A 213 14.48 6.98 -29.55
C PRO A 213 14.24 8.06 -30.59
N ASP A 214 14.65 7.85 -31.85
CA ASP A 214 14.51 8.88 -32.87
C ASP A 214 13.86 8.36 -34.14
N GLY A 215 13.12 7.25 -34.06
CA GLY A 215 12.33 6.78 -35.18
C GLY A 215 13.03 5.87 -36.15
N ARG A 216 14.19 5.31 -35.77
CA ARG A 216 14.92 4.37 -36.61
C ARG A 216 14.81 2.97 -36.03
N LEU A 217 15.30 1.98 -36.78
CA LEU A 217 15.47 0.64 -36.27
C LEU A 217 16.95 0.38 -36.00
N TRP A 218 17.23 -0.48 -35.02
CA TRP A 218 18.57 -1.02 -34.83
C TRP A 218 18.50 -2.53 -35.04
N MET A 219 19.63 -3.13 -35.41
CA MET A 219 19.68 -4.58 -35.55
C MET A 219 21.01 -5.12 -35.04
N ILE A 220 20.94 -6.28 -34.40
CA ILE A 220 22.09 -7.09 -34.03
C ILE A 220 22.13 -8.27 -34.98
N VAL A 221 23.28 -8.51 -35.61
CA VAL A 221 23.44 -9.63 -36.51
C VAL A 221 24.56 -10.50 -35.98
N ASN A 222 24.59 -11.74 -36.47
CA ASN A 222 25.55 -12.75 -36.05
C ASN A 222 26.99 -12.27 -36.24
N GLY A 223 27.83 -12.60 -35.26
CA GLY A 223 29.22 -12.22 -35.33
C GLY A 223 29.55 -10.91 -34.67
N GLY A 224 28.70 -10.44 -33.77
CA GLY A 224 29.01 -9.24 -33.00
C GLY A 224 28.93 -7.97 -33.79
N LYS A 225 27.98 -7.86 -34.71
CA LYS A 225 27.86 -6.67 -35.53
C LYS A 225 26.47 -6.06 -35.33
N ILE A 226 26.40 -4.74 -35.49
CA ILE A 226 25.17 -3.98 -35.36
C ILE A 226 25.10 -3.00 -36.51
N ALA A 227 23.90 -2.43 -36.70
CA ALA A 227 23.66 -1.44 -37.71
C ALA A 227 22.39 -0.68 -37.34
N PHE A 228 22.24 0.51 -37.94
CA PHE A 228 21.09 1.36 -37.71
C PHE A 228 20.47 1.74 -39.04
N SER A 229 19.13 1.87 -39.08
CA SER A 229 18.48 2.18 -40.33
C SER A 229 18.63 3.67 -40.66
N ASP A 230 18.40 3.99 -41.92
CA ASP A 230 18.51 5.36 -42.44
C ASP A 230 17.32 6.21 -41.99
N PRO A 231 17.54 7.38 -41.40
CA PRO A 231 16.41 8.27 -41.08
C PRO A 231 15.61 8.66 -42.30
N ASP A 232 16.22 8.70 -43.49
CA ASP A 232 15.47 9.05 -44.69
C ASP A 232 14.53 7.94 -45.10
N ASN A 233 14.84 6.71 -44.69
CA ASN A 233 14.26 5.51 -45.31
C ASN A 233 14.49 4.38 -44.31
N SER A 234 13.43 4.00 -43.60
CA SER A 234 13.57 2.97 -42.58
C SER A 234 13.94 1.63 -43.19
N GLU A 235 14.05 1.54 -44.52
CA GLU A 235 14.36 0.24 -45.11
C GLU A 235 15.78 0.20 -45.68
N ASN A 236 16.51 1.32 -45.61
CA ASN A 236 17.93 1.39 -45.92
C ASN A 236 18.71 1.36 -44.62
N TRP A 237 19.80 0.60 -44.61
CA TRP A 237 20.57 0.35 -43.40
C TRP A 237 21.97 0.91 -43.59
N GLY A 238 22.50 1.52 -42.54
CA GLY A 238 23.85 2.00 -42.55
C GLY A 238 24.87 0.88 -42.53
N GLU A 239 26.13 1.29 -42.49
CA GLU A 239 27.23 0.33 -42.54
C GLU A 239 27.23 -0.53 -41.27
N LEU A 240 27.64 -1.78 -41.44
CA LEU A 240 27.78 -2.66 -40.30
C LEU A 240 28.87 -2.16 -39.36
N LEU A 241 28.55 -2.06 -38.07
CA LEU A 241 29.55 -1.66 -37.08
C LEU A 241 30.02 -2.85 -36.29
N SER A 242 31.24 -2.74 -35.78
CA SER A 242 31.89 -3.83 -35.04
C SER A 242 32.33 -3.26 -33.70
N PRO A 243 31.42 -3.22 -32.71
CA PRO A 243 31.75 -2.54 -31.44
C PRO A 243 32.96 -3.09 -30.71
N LEU A 244 33.15 -4.40 -30.74
CA LEU A 244 34.28 -5.04 -30.07
C LEU A 244 35.43 -5.36 -31.00
N ARG A 245 35.39 -4.92 -32.26
CA ARG A 245 36.43 -5.27 -33.25
C ARG A 245 36.46 -6.78 -33.53
N VAL A 249 32.51 -12.26 -30.27
CA VAL A 249 31.47 -12.19 -29.26
C VAL A 249 30.11 -11.90 -29.88
N GLY A 250 29.07 -12.62 -29.43
CA GLY A 250 27.72 -12.36 -29.89
C GLY A 250 26.95 -11.45 -28.94
N PHE A 251 26.24 -10.49 -29.50
CA PHE A 251 25.42 -9.60 -28.70
C PHE A 251 23.97 -10.06 -28.68
N LEU A 252 23.30 -9.73 -27.59
CA LEU A 252 22.00 -10.27 -27.30
C LEU A 252 20.93 -9.21 -27.19
N ASP A 253 21.27 -8.00 -26.71
CA ASP A 253 20.27 -6.93 -26.64
C ASP A 253 20.98 -5.60 -26.70
N LEU A 254 20.22 -4.58 -27.07
CA LEU A 254 20.69 -3.20 -27.15
C LEU A 254 19.58 -2.34 -26.58
N ALA A 255 19.92 -1.35 -25.76
CA ALA A 255 18.91 -0.47 -25.20
C ALA A 255 19.51 0.89 -24.90
N TYR A 256 18.69 1.92 -25.13
CA TYR A 256 19.05 3.31 -24.89
C TYR A 256 18.68 3.71 -23.47
N ARG A 257 19.59 4.39 -22.80
CA ARG A 257 19.24 5.03 -21.54
C ARG A 257 18.81 6.49 -21.75
N THR A 258 19.43 7.19 -22.71
CA THR A 258 19.17 8.56 -23.11
C THR A 258 19.25 8.59 -24.65
N PRO A 259 18.97 9.72 -25.30
CA PRO A 259 19.12 9.74 -26.76
C PRO A 259 20.51 9.33 -27.23
N ASN A 260 21.55 9.60 -26.44
CA ASN A 260 22.91 9.33 -26.90
C ASN A 260 23.62 8.19 -26.18
N GLU A 261 23.13 7.73 -25.03
CA GLU A 261 23.82 6.69 -24.30
C GLU A 261 23.14 5.35 -24.57
N VAL A 262 23.90 4.42 -25.16
CA VAL A 262 23.40 3.11 -25.60
C VAL A 262 24.22 2.03 -24.90
N TRP A 263 23.53 0.99 -24.43
CA TRP A 263 24.16 -0.16 -23.80
C TRP A 263 23.96 -1.39 -24.67
N LEU A 264 24.97 -2.24 -24.72
CA LEU A 264 24.95 -3.40 -25.60
C LEU A 264 25.44 -4.60 -24.80
N ALA A 265 24.55 -5.57 -24.62
CA ALA A 265 24.78 -6.71 -23.74
C ALA A 265 24.97 -7.95 -24.59
N GLY A 266 25.86 -8.83 -24.16
CA GLY A 266 26.18 -10.04 -24.90
C GLY A 266 26.59 -11.19 -24.01
N GLY A 267 27.20 -12.20 -24.59
CA GLY A 267 27.52 -13.38 -23.83
C GLY A 267 28.72 -13.19 -22.91
N ALA A 268 28.76 -14.02 -21.87
CA ALA A 268 29.94 -14.14 -21.02
C ALA A 268 30.37 -12.79 -20.44
N GLY A 269 29.42 -12.09 -19.84
CA GLY A 269 29.76 -10.86 -19.17
C GLY A 269 30.07 -9.69 -20.07
N ALA A 270 29.83 -9.80 -21.37
CA ALA A 270 30.10 -8.70 -22.29
C ALA A 270 29.05 -7.60 -22.10
N LEU A 271 29.50 -6.38 -21.79
CA LEU A 271 28.60 -5.25 -21.70
C LEU A 271 29.34 -4.00 -22.12
N LEU A 272 28.84 -3.36 -23.18
CA LEU A 272 29.46 -2.18 -23.75
C LEU A 272 28.48 -1.01 -23.62
N CYS A 273 29.06 0.19 -23.61
CA CYS A 273 28.30 1.43 -23.56
C CYS A 273 28.86 2.37 -24.61
N SER A 274 27.97 3.05 -25.30
CA SER A 274 28.35 4.10 -26.22
C SER A 274 27.73 5.41 -25.74
N GLN A 275 28.53 6.47 -25.69
CA GLN A 275 28.04 7.77 -25.26
C GLN A 275 27.82 8.71 -26.44
N ASP A 276 27.97 8.22 -27.67
CA ASP A 276 27.81 9.05 -28.86
C ASP A 276 26.80 8.43 -29.80
N GLY A 277 25.73 7.86 -29.23
CA GLY A 277 24.65 7.36 -30.03
C GLY A 277 24.96 6.11 -30.82
N GLY A 278 26.00 5.39 -30.43
CA GLY A 278 26.39 4.17 -31.10
C GLY A 278 27.60 4.29 -32.00
N GLN A 279 28.29 5.43 -32.01
CA GLN A 279 29.43 5.58 -32.91
C GLN A 279 30.64 4.82 -32.39
N THR A 280 31.05 5.10 -31.15
CA THR A 280 32.19 4.44 -30.53
C THR A 280 31.73 3.73 -29.26
N TRP A 281 32.40 2.66 -28.91
CA TRP A 281 31.94 1.84 -27.82
C TRP A 281 33.06 1.67 -26.80
N GLN A 282 32.66 1.61 -25.53
CA GLN A 282 33.53 1.31 -24.42
C GLN A 282 32.99 0.11 -23.65
N GLN A 283 33.90 -0.66 -23.06
CA GLN A 283 33.55 -1.89 -22.35
C GLN A 283 33.42 -1.60 -20.86
N ASP A 284 32.33 -2.07 -20.26
CA ASP A 284 32.20 -2.04 -18.82
C ASP A 284 32.95 -3.28 -18.34
N VAL A 285 34.19 -3.06 -17.91
CA VAL A 285 35.07 -4.17 -17.62
C VAL A 285 34.69 -4.79 -16.28
N ASP A 286 34.13 -3.97 -15.38
CA ASP A 286 33.85 -4.42 -14.02
C ASP A 286 32.83 -5.56 -14.01
N VAL A 287 31.85 -5.56 -14.94
CA VAL A 287 30.85 -6.62 -14.92
C VAL A 287 31.33 -7.90 -15.59
N LYS A 288 32.54 -7.91 -16.13
CA LYS A 288 33.07 -9.14 -16.71
C LYS A 288 33.31 -10.20 -15.65
N LYS A 289 33.43 -9.81 -14.39
CA LYS A 289 33.54 -10.77 -13.29
C LYS A 289 32.32 -11.69 -13.23
N VAL A 290 31.15 -11.17 -13.56
CA VAL A 290 29.90 -11.89 -13.32
C VAL A 290 29.76 -12.98 -14.36
N PRO A 291 29.65 -14.24 -13.94
CA PRO A 291 29.58 -15.40 -14.86
C PRO A 291 28.18 -15.65 -15.40
N SER A 292 27.78 -14.84 -16.38
CA SER A 292 26.44 -14.92 -16.92
C SER A 292 26.41 -14.23 -18.27
N ASN A 293 25.64 -14.80 -19.20
CA ASN A 293 25.22 -14.03 -20.36
C ASN A 293 24.24 -12.93 -19.93
N PHE A 294 24.26 -11.83 -20.66
CA PHE A 294 23.38 -10.70 -20.40
C PHE A 294 22.37 -10.67 -21.54
N TYR A 295 21.15 -11.10 -21.25
CA TYR A 295 20.16 -11.39 -22.27
C TYR A 295 19.34 -10.19 -22.65
N LYS A 296 19.11 -9.27 -21.72
CA LYS A 296 18.06 -8.29 -21.88
C LYS A 296 18.40 -7.11 -21.02
N ILE A 297 18.30 -5.92 -21.60
CA ILE A 297 18.48 -4.64 -20.93
C ILE A 297 17.11 -3.96 -20.89
N LEU A 298 16.72 -3.51 -19.70
CA LEU A 298 15.45 -2.80 -19.51
C LEU A 298 15.74 -1.51 -18.78
N PHE A 299 15.51 -0.37 -19.41
CA PHE A 299 15.58 0.90 -18.75
C PHE A 299 14.15 1.38 -18.54
N PHE A 300 13.79 1.68 -17.28
CA PHE A 300 12.45 2.17 -17.02
C PHE A 300 12.42 3.69 -16.88
N SER A 301 13.59 4.28 -16.70
CA SER A 301 13.80 5.71 -16.67
C SER A 301 15.29 5.93 -16.88
N PRO A 302 15.74 7.18 -17.03
CA PRO A 302 17.21 7.41 -17.15
C PRO A 302 17.99 6.95 -15.92
N ASP A 303 17.31 6.72 -14.80
CA ASP A 303 17.90 6.43 -13.49
C ASP A 303 17.70 4.98 -13.03
N GLN A 304 16.84 4.21 -13.70
CA GLN A 304 16.35 2.94 -13.19
C GLN A 304 16.40 1.94 -14.31
N GLY A 305 17.19 0.88 -14.14
CA GLY A 305 17.44 -0.07 -15.19
C GLY A 305 17.92 -1.38 -14.64
N PHE A 306 17.67 -2.45 -15.38
CA PHE A 306 18.08 -3.80 -14.99
C PHE A 306 18.57 -4.54 -16.21
N ILE A 307 19.49 -5.46 -15.98
CA ILE A 307 19.96 -6.37 -17.00
C ILE A 307 19.67 -7.79 -16.51
N LEU A 308 19.03 -8.59 -17.35
CA LEU A 308 18.66 -9.94 -16.97
C LEU A 308 19.78 -10.91 -17.34
N GLY A 309 20.26 -11.66 -16.35
CA GLY A 309 21.22 -12.71 -16.54
C GLY A 309 20.62 -14.09 -16.35
N GLN A 310 21.49 -15.07 -16.09
CA GLN A 310 21.09 -16.45 -15.83
C GLN A 310 21.24 -16.78 -14.35
N LYS A 311 20.61 -17.86 -13.92
CA LYS A 311 20.82 -18.41 -12.59
C LYS A 311 20.36 -17.42 -11.52
N GLY A 312 19.34 -16.62 -11.81
CA GLY A 312 18.86 -15.67 -10.83
C GLY A 312 19.71 -14.44 -10.67
N ILE A 313 20.62 -14.16 -11.61
CA ILE A 313 21.50 -13.00 -11.57
C ILE A 313 20.83 -11.85 -12.28
N LEU A 314 20.83 -10.68 -11.66
CA LEU A 314 20.42 -9.43 -12.28
C LEU A 314 21.53 -8.42 -12.09
N LEU A 315 21.67 -7.50 -13.02
CA LEU A 315 22.41 -6.27 -12.77
C LEU A 315 21.43 -5.14 -12.56
N ARG A 316 21.71 -4.29 -11.56
CA ARG A 316 20.86 -3.15 -11.26
C ARG A 316 21.64 -1.86 -11.47
N TYR A 317 21.04 -0.95 -12.24
CA TYR A 317 21.63 0.37 -12.46
C TYR A 317 21.54 1.17 -11.18
N VAL A 318 22.67 1.64 -10.67
CA VAL A 318 22.69 2.56 -9.56
C VAL A 318 22.98 3.93 -10.14
N THR A 319 22.19 4.93 -9.76
CA THR A 319 22.41 6.24 -10.36
C THR A 319 23.77 6.82 -9.95
N ASP A 320 24.73 6.77 -10.86
CA ASP A 320 26.05 7.39 -10.68
C ASP A 320 26.82 7.41 -12.00
N HIS B 9 -42.63 1.95 6.94
CA HIS B 9 -42.45 0.53 6.63
C HIS B 9 -42.08 -0.31 7.86
N HIS B 10 -40.79 -0.51 8.13
CA HIS B 10 -40.32 -1.38 9.19
C HIS B 10 -40.05 -0.61 10.49
N GLY B 11 -40.10 -1.33 11.61
CA GLY B 11 -39.59 -0.81 12.86
C GLY B 11 -40.40 0.27 13.56
N LEU B 12 -41.72 0.16 13.52
CA LEU B 12 -42.58 1.06 14.26
C LEU B 12 -42.71 0.56 15.71
N VAL B 13 -42.34 1.39 16.66
CA VAL B 13 -42.33 1.05 18.08
C VAL B 13 -43.53 1.72 18.75
N PRO B 14 -44.35 0.98 19.51
CA PRO B 14 -45.55 1.58 20.09
C PRO B 14 -45.25 2.51 21.26
N ARG B 15 -46.22 3.39 21.55
CA ARG B 15 -46.18 4.16 22.78
C ARG B 15 -46.04 3.25 24.00
N GLY B 16 -45.29 3.72 25.01
CA GLY B 16 -45.13 3.02 26.28
C GLY B 16 -43.82 2.29 26.43
N SER B 17 -43.02 2.21 25.37
CA SER B 17 -41.67 1.68 25.45
C SER B 17 -40.81 2.50 26.39
N ILE B 18 -39.56 2.05 26.56
CA ILE B 18 -38.58 2.73 27.40
C ILE B 18 -38.21 4.01 26.64
N PRO B 19 -37.73 5.05 27.31
CA PRO B 19 -37.40 6.28 26.57
C PRO B 19 -36.47 6.00 25.40
N ALA B 20 -36.65 6.75 24.33
CA ALA B 20 -35.84 6.63 23.12
C ALA B 20 -34.62 7.54 23.15
N LEU B 21 -33.52 7.06 22.56
CA LEU B 21 -32.38 7.93 22.28
C LEU B 21 -32.82 8.95 21.24
N ASP B 22 -32.52 10.24 21.49
CA ASP B 22 -33.05 11.26 20.58
C ASP B 22 -32.33 11.33 19.24
N TYR B 23 -31.21 10.60 19.09
CA TYR B 23 -30.38 10.65 17.90
C TYR B 23 -30.00 9.21 17.59
N ASN B 24 -29.78 8.92 16.30
CA ASN B 24 -29.22 7.63 15.88
C ASN B 24 -27.87 7.82 15.19
N PRO B 25 -26.76 7.40 15.82
CA PRO B 25 -25.44 7.54 15.20
C PRO B 25 -25.01 6.38 14.32
N TRP B 26 -25.89 5.41 14.09
CA TRP B 26 -25.55 4.16 13.41
C TRP B 26 -26.14 4.16 12.01
N GLU B 27 -25.33 3.85 11.01
CA GLU B 27 -25.77 3.82 9.63
C GLU B 27 -25.69 2.38 9.12
N ALA B 28 -26.77 1.89 8.52
CA ALA B 28 -26.77 0.52 8.03
C ALA B 28 -26.03 0.42 6.69
N ILE B 29 -25.19 -0.61 6.56
CA ILE B 29 -24.42 -0.89 5.35
C ILE B 29 -24.72 -2.31 4.90
N GLN B 30 -24.92 -2.47 3.58
CA GLN B 30 -25.05 -3.79 2.96
C GLN B 30 -23.72 -4.17 2.32
N LEU B 31 -23.07 -5.20 2.85
CA LEU B 31 -21.84 -5.69 2.25
C LEU B 31 -22.15 -6.38 0.93
N PRO B 32 -21.16 -6.45 0.00
CA PRO B 32 -21.35 -7.18 -1.26
C PRO B 32 -21.26 -8.71 -1.09
N THR B 33 -21.97 -9.22 -0.11
CA THR B 33 -22.06 -10.63 0.25
C THR B 33 -23.25 -10.77 1.17
N THR B 34 -23.80 -11.97 1.25
CA THR B 34 -24.76 -12.31 2.28
C THR B 34 -24.16 -13.16 3.41
N ALA B 35 -22.84 -13.34 3.41
CA ALA B 35 -22.19 -14.13 4.45
C ALA B 35 -22.25 -13.42 5.80
N THR B 36 -22.39 -14.20 6.86
CA THR B 36 -22.30 -13.67 8.22
C THR B 36 -20.88 -13.25 8.54
N ILE B 37 -20.72 -12.04 9.08
CA ILE B 37 -19.42 -11.49 9.48
C ILE B 37 -19.17 -11.77 10.96
N LEU B 38 -17.96 -12.22 11.28
CA LEU B 38 -17.63 -12.66 12.63
C LEU B 38 -16.63 -11.76 13.35
N ASP B 39 -15.80 -11.02 12.64
CA ASP B 39 -14.82 -10.19 13.34
C ASP B 39 -14.28 -9.12 12.41
N MET B 40 -13.64 -8.12 13.01
CA MET B 40 -13.11 -6.97 12.28
C MET B 40 -11.92 -6.44 13.06
N SER B 41 -10.93 -5.90 12.33
CA SER B 41 -9.79 -5.24 12.97
C SER B 41 -9.23 -4.16 12.06
N PHE B 42 -8.72 -3.07 12.66
CA PHE B 42 -8.21 -1.95 11.87
C PHE B 42 -6.71 -1.79 12.04
N ILE B 43 -6.05 -1.42 10.95
CA ILE B 43 -4.65 -1.02 11.01
C ILE B 43 -4.52 0.41 11.53
N ASP B 44 -5.26 1.34 10.95
CA ASP B 44 -5.28 2.74 11.37
C ASP B 44 -6.73 3.20 11.29
N ARG B 45 -6.96 4.51 11.24
CA ARG B 45 -8.33 5.03 11.25
C ARG B 45 -9.08 4.71 9.95
N HIS B 46 -8.38 4.55 8.84
CA HIS B 46 -9.03 4.37 7.54
C HIS B 46 -8.95 2.95 7.00
N HIS B 47 -7.90 2.21 7.34
CA HIS B 47 -7.58 0.94 6.67
C HIS B 47 -7.88 -0.23 7.61
N GLY B 48 -8.83 -1.10 7.21
CA GLY B 48 -9.22 -2.19 8.08
C GLY B 48 -9.70 -3.41 7.33
N TRP B 49 -9.93 -4.49 8.07
CA TRP B 49 -10.26 -5.77 7.48
C TRP B 49 -11.36 -6.45 8.30
N LEU B 50 -12.18 -7.22 7.62
CA LEU B 50 -13.20 -8.01 8.31
C LEU B 50 -13.21 -9.44 7.76
N VAL B 51 -13.71 -10.38 8.58
CA VAL B 51 -13.71 -11.79 8.24
C VAL B 51 -15.04 -12.42 8.64
N GLY B 52 -15.36 -13.54 8.00
CA GLY B 52 -16.57 -14.25 8.36
C GLY B 52 -16.63 -15.66 7.82
N VAL B 53 -17.88 -16.16 7.68
CA VAL B 53 -18.09 -17.53 7.25
C VAL B 53 -17.69 -17.71 5.79
N ASN B 54 -17.45 -18.98 5.41
CA ASN B 54 -17.06 -19.32 4.03
C ASN B 54 -15.85 -18.52 3.55
N ALA B 55 -14.85 -18.39 4.42
CA ALA B 55 -13.59 -17.74 4.08
C ALA B 55 -13.80 -16.32 3.55
N THR B 56 -14.76 -15.63 4.15
CA THR B 56 -15.00 -14.24 3.79
C THR B 56 -13.89 -13.32 4.33
N LEU B 57 -13.36 -12.49 3.44
CA LEU B 57 -12.31 -11.52 3.80
C LEU B 57 -12.53 -10.27 2.97
N MET B 58 -12.69 -9.12 3.64
CA MET B 58 -12.93 -7.87 2.92
C MET B 58 -12.10 -6.76 3.53
N GLU B 59 -11.76 -5.78 2.69
CA GLU B 59 -10.89 -4.68 3.09
C GLU B 59 -11.59 -3.34 2.91
N THR B 60 -11.38 -2.43 3.86
CA THR B 60 -11.80 -1.05 3.68
C THR B 60 -10.57 -0.15 3.70
N ARG B 61 -10.64 0.93 2.92
CA ARG B 61 -9.61 1.96 2.93
C ARG B 61 -10.22 3.34 3.20
N ASP B 62 -11.50 3.42 3.50
CA ASP B 62 -12.16 4.68 3.80
C ASP B 62 -12.84 4.66 5.18
N GLY B 63 -12.26 3.97 6.15
CA GLY B 63 -12.83 3.93 7.47
C GLY B 63 -14.03 3.02 7.64
N GLY B 64 -14.30 2.12 6.71
CA GLY B 64 -15.42 1.20 6.83
C GLY B 64 -16.69 1.63 6.13
N GLN B 65 -16.67 2.70 5.34
CA GLN B 65 -17.82 3.07 4.54
C GLN B 65 -18.03 2.11 3.40
N THR B 66 -16.93 1.66 2.76
CA THR B 66 -16.98 0.72 1.65
C THR B 66 -15.98 -0.40 1.86
N TRP B 67 -16.38 -1.60 1.47
CA TRP B 67 -15.58 -2.80 1.68
C TRP B 67 -15.42 -3.54 0.39
N GLU B 68 -14.23 -4.11 0.18
CA GLU B 68 -13.93 -4.79 -1.07
C GLU B 68 -13.50 -6.22 -0.77
N PRO B 69 -14.13 -7.20 -1.41
CA PRO B 69 -13.75 -8.59 -1.18
C PRO B 69 -12.34 -8.90 -1.66
N ARG B 70 -11.70 -9.79 -0.92
CA ARG B 70 -10.39 -10.33 -1.25
C ARG B 70 -10.53 -11.84 -1.20
N THR B 71 -10.38 -12.49 -2.34
CA THR B 71 -10.57 -13.93 -2.44
C THR B 71 -9.21 -14.61 -2.28
N LEU B 72 -9.01 -15.24 -1.13
CA LEU B 72 -7.78 -16.02 -0.92
C LEU B 72 -7.87 -17.34 -1.65
N VAL B 73 -6.72 -17.89 -2.00
CA VAL B 73 -6.67 -19.18 -2.69
C VAL B 73 -6.34 -20.23 -1.63
N LEU B 74 -7.37 -20.91 -1.15
CA LEU B 74 -7.22 -21.92 -0.11
C LEU B 74 -7.57 -23.28 -0.70
N ASP B 75 -7.39 -24.34 0.08
CA ASP B 75 -7.70 -25.66 -0.44
C ASP B 75 -9.21 -25.93 -0.48
N HIS B 76 -10.00 -25.21 0.30
CA HIS B 76 -11.45 -25.18 0.16
C HIS B 76 -11.96 -23.86 0.76
N SER B 77 -13.25 -23.58 0.55
CA SER B 77 -13.83 -22.33 1.04
C SER B 77 -14.83 -22.55 2.17
N ASP B 78 -14.79 -23.71 2.83
CA ASP B 78 -15.70 -23.98 3.94
C ASP B 78 -15.17 -23.45 5.27
N TYR B 79 -14.03 -22.77 5.27
CA TYR B 79 -13.45 -22.28 6.51
C TYR B 79 -14.32 -21.18 7.08
N ARG B 80 -14.54 -21.24 8.38
CA ARG B 80 -15.17 -20.15 9.10
C ARG B 80 -14.04 -19.31 9.71
N PHE B 81 -13.88 -18.06 9.25
CA PHE B 81 -12.86 -17.18 9.84
C PHE B 81 -13.44 -16.53 11.09
N ASN B 82 -12.94 -16.94 12.26
CA ASN B 82 -13.46 -16.60 13.57
C ASN B 82 -12.92 -15.28 14.11
N SER B 83 -11.70 -14.90 13.76
CA SER B 83 -11.05 -13.79 14.45
C SER B 83 -9.99 -13.21 13.53
N VAL B 84 -9.88 -11.89 13.51
CA VAL B 84 -8.83 -11.18 12.77
C VAL B 84 -8.28 -10.09 13.70
N SER B 85 -6.96 -9.87 13.65
CA SER B 85 -6.33 -8.90 14.56
C SER B 85 -5.13 -8.31 13.86
N PHE B 86 -5.06 -6.99 13.79
CA PHE B 86 -3.92 -6.24 13.28
C PHE B 86 -3.30 -5.40 14.40
N GLN B 87 -1.99 -5.34 14.43
CA GLN B 87 -1.25 -4.38 15.24
C GLN B 87 -0.37 -3.64 14.24
N GLY B 88 -0.76 -2.42 13.87
CA GLY B 88 -0.08 -1.81 12.73
C GLY B 88 -0.30 -2.65 11.48
N ASN B 89 0.73 -2.79 10.65
CA ASN B 89 0.65 -3.55 9.41
C ASN B 89 0.74 -5.06 9.59
N GLU B 90 0.93 -5.57 10.81
CA GLU B 90 1.01 -7.01 11.01
C GLU B 90 -0.38 -7.53 11.36
N GLY B 91 -0.88 -8.49 10.59
CA GLY B 91 -2.24 -9.00 10.79
C GLY B 91 -2.29 -10.51 10.81
N TRP B 92 -3.30 -11.04 11.50
CA TRP B 92 -3.49 -12.47 11.67
C TRP B 92 -4.98 -12.79 11.53
N ILE B 93 -5.28 -13.94 10.93
CA ILE B 93 -6.63 -14.51 10.84
C ILE B 93 -6.55 -15.95 11.33
N VAL B 94 -7.52 -16.36 12.15
CA VAL B 94 -7.63 -17.78 12.46
C VAL B 94 -9.05 -18.24 12.16
N GLY B 95 -9.17 -19.53 11.90
CA GLY B 95 -10.49 -20.04 11.56
C GLY B 95 -10.59 -21.52 11.82
N GLU B 96 -11.79 -22.07 11.54
CA GLU B 96 -11.97 -23.49 11.75
C GLU B 96 -12.70 -24.09 10.55
N PRO B 97 -12.35 -25.34 10.16
CA PRO B 97 -11.28 -26.19 10.73
C PRO B 97 -9.92 -25.48 10.69
N PRO B 98 -8.97 -25.90 11.56
CA PRO B 98 -7.83 -25.03 11.89
C PRO B 98 -7.13 -24.45 10.68
N ILE B 99 -7.07 -23.12 10.64
CA ILE B 99 -6.34 -22.40 9.61
C ILE B 99 -5.81 -21.12 10.24
N MET B 100 -4.62 -20.70 9.80
CA MET B 100 -4.06 -19.44 10.23
C MET B 100 -3.41 -18.73 9.04
N LEU B 101 -3.74 -17.46 8.88
CA LEU B 101 -3.20 -16.57 7.86
C LEU B 101 -2.52 -15.39 8.52
N HIS B 102 -1.48 -14.88 7.85
CA HIS B 102 -0.59 -13.88 8.41
C HIS B 102 -0.11 -12.90 7.33
N THR B 103 -0.05 -11.63 7.69
CA THR B 103 0.47 -10.60 6.80
C THR B 103 1.36 -9.66 7.60
N THR B 104 2.39 -9.12 6.93
CA THR B 104 3.22 -8.08 7.53
C THR B 104 3.18 -6.78 6.77
N ASP B 105 2.33 -6.67 5.75
CA ASP B 105 2.29 -5.49 4.89
C ASP B 105 0.85 -4.95 4.74
N GLY B 106 0.07 -5.02 5.82
CA GLY B 106 -1.28 -4.46 5.83
C GLY B 106 -2.33 -5.27 5.07
N GLY B 107 -2.05 -6.54 4.79
CA GLY B 107 -2.93 -7.36 3.99
C GLY B 107 -2.68 -7.35 2.50
N GLN B 108 -1.61 -6.69 2.04
CA GLN B 108 -1.26 -6.73 0.62
C GLN B 108 -0.98 -8.15 0.17
N SER B 109 -0.18 -8.88 0.94
CA SER B 109 0.03 -10.30 0.72
C SER B 109 -0.21 -11.07 2.02
N TRP B 110 -0.77 -12.27 1.90
CA TRP B 110 -1.04 -13.11 3.04
C TRP B 110 -0.35 -14.44 2.83
N SER B 111 0.12 -15.04 3.93
CA SER B 111 0.67 -16.39 3.94
C SER B 111 -0.12 -17.27 4.88
N GLN B 112 -0.22 -18.55 4.54
CA GLN B 112 -0.82 -19.51 5.46
C GLN B 112 0.28 -20.04 6.36
N ILE B 113 0.04 -20.04 7.66
CA ILE B 113 1.00 -20.57 8.63
C ILE B 113 0.53 -21.98 8.97
N PRO B 114 1.29 -23.02 8.65
CA PRO B 114 0.90 -24.37 9.03
C PRO B 114 0.74 -24.47 10.54
N LEU B 115 -0.36 -25.11 10.98
CA LEU B 115 -0.62 -25.31 12.39
C LEU B 115 -0.26 -26.73 12.83
N ASP B 116 0.48 -26.82 13.93
CA ASP B 116 0.92 -28.09 14.49
C ASP B 116 -0.26 -29.06 14.61
N PRO B 117 -0.14 -30.32 14.15
CA PRO B 117 -1.29 -31.23 14.24
C PRO B 117 -1.72 -31.51 15.67
N LYS B 118 -0.88 -31.17 16.67
CA LYS B 118 -1.19 -31.29 18.10
C LYS B 118 -2.01 -30.11 18.64
N LEU B 119 -2.27 -29.09 17.84
CA LEU B 119 -3.08 -27.97 18.31
C LEU B 119 -4.35 -28.50 18.99
N PRO B 120 -4.62 -28.13 20.24
CA PRO B 120 -5.82 -28.68 20.90
C PRO B 120 -7.09 -27.90 20.58
N GLY B 121 -8.01 -28.51 19.87
CA GLY B 121 -9.26 -27.81 19.53
C GLY B 121 -9.08 -26.87 18.35
N SER B 122 -10.09 -26.01 18.15
CA SER B 122 -9.90 -25.17 16.96
C SER B 122 -9.72 -23.71 17.33
N PRO B 123 -8.94 -22.96 16.55
CA PRO B 123 -8.61 -21.57 16.90
C PRO B 123 -9.86 -20.68 16.85
N ARG B 124 -10.10 -19.94 17.94
CA ARG B 124 -11.26 -19.05 18.04
C ARG B 124 -10.90 -17.58 18.22
N LEU B 125 -9.75 -17.27 18.77
CA LEU B 125 -9.39 -15.86 18.92
C LEU B 125 -7.90 -15.71 18.67
N ILE B 126 -7.51 -14.69 17.93
CA ILE B 126 -6.09 -14.34 17.80
C ILE B 126 -5.94 -12.86 18.11
N LYS B 127 -4.87 -12.53 18.83
CA LYS B 127 -4.56 -11.16 19.21
C LYS B 127 -3.16 -10.80 18.74
N ALA B 128 -3.06 -9.83 17.85
CA ALA B 128 -1.76 -9.39 17.35
C ALA B 128 -1.09 -8.53 18.41
N LEU B 129 0.15 -8.85 18.77
CA LEU B 129 0.89 -8.00 19.68
C LEU B 129 1.93 -7.14 18.96
N GLY B 130 2.08 -7.30 17.66
CA GLY B 130 3.05 -6.54 16.91
C GLY B 130 4.43 -7.21 16.89
N ASN B 131 5.22 -6.83 15.89
CA ASN B 131 6.61 -7.23 15.74
C ASN B 131 6.82 -8.73 15.95
N GLY B 132 5.95 -9.52 15.31
CA GLY B 132 6.11 -10.95 15.27
C GLY B 132 5.48 -11.72 16.41
N SER B 133 4.81 -11.04 17.36
CA SER B 133 4.21 -11.72 18.50
C SER B 133 2.68 -11.72 18.40
N ALA B 134 2.07 -12.78 18.91
CA ALA B 134 0.62 -12.92 18.91
C ALA B 134 0.25 -13.98 19.94
N GLU B 135 -0.99 -13.92 20.42
CA GLU B 135 -1.48 -15.02 21.23
C GLU B 135 -2.76 -15.55 20.62
N MET B 136 -2.96 -16.84 20.73
CA MET B 136 -4.09 -17.51 20.10
C MET B 136 -4.79 -18.34 21.16
N ILE B 137 -6.14 -18.38 21.11
CA ILE B 137 -6.92 -19.22 22.02
C ILE B 137 -7.85 -20.10 21.20
N THR B 138 -7.96 -21.35 21.60
CA THR B 138 -8.85 -22.31 20.98
C THR B 138 -10.14 -22.48 21.77
N ASN B 139 -11.08 -23.20 21.17
CA ASN B 139 -12.40 -23.36 21.78
C ASN B 139 -12.36 -24.16 23.08
N VAL B 140 -11.27 -24.90 23.35
CA VAL B 140 -11.18 -25.60 24.64
C VAL B 140 -10.33 -24.80 25.63
N GLY B 141 -9.99 -23.55 25.31
CA GLY B 141 -9.31 -22.71 26.27
C GLY B 141 -7.80 -22.82 26.29
N ALA B 142 -7.20 -23.53 25.34
CA ALA B 142 -5.74 -23.52 25.24
C ALA B 142 -5.29 -22.16 24.77
N ILE B 143 -4.21 -21.66 25.37
CA ILE B 143 -3.69 -20.34 25.10
C ILE B 143 -2.25 -20.49 24.69
N TYR B 144 -1.92 -19.97 23.52
CA TYR B 144 -0.56 -20.06 23.00
C TYR B 144 -0.07 -18.70 22.57
N ARG B 145 1.21 -18.43 22.83
CA ARG B 145 1.88 -17.22 22.41
C ARG B 145 2.99 -17.57 21.43
N THR B 146 3.07 -16.84 20.31
CA THR B 146 4.25 -16.88 19.45
C THR B 146 5.01 -15.56 19.51
N LYS B 147 6.33 -15.65 19.35
CA LYS B 147 7.19 -14.48 19.24
C LYS B 147 7.97 -14.47 17.93
N ASP B 148 7.79 -15.48 17.08
CA ASP B 148 8.58 -15.55 15.86
C ASP B 148 7.67 -15.80 14.69
N SER B 149 6.61 -14.98 14.62
CA SER B 149 5.69 -14.96 13.49
C SER B 149 5.01 -16.33 13.26
N GLY B 150 4.80 -17.09 14.33
CA GLY B 150 4.02 -18.29 14.23
C GLY B 150 4.78 -19.55 13.93
N LYS B 151 6.13 -19.48 13.88
CA LYS B 151 6.92 -20.68 13.70
C LYS B 151 6.91 -21.56 14.95
N ASN B 152 6.88 -20.93 16.13
CA ASN B 152 6.81 -21.66 17.40
C ASN B 152 5.79 -21.02 18.33
N TRP B 153 5.08 -21.85 19.09
CA TRP B 153 4.10 -21.40 20.07
C TRP B 153 4.42 -22.03 21.40
N GLN B 154 4.24 -21.26 22.50
CA GLN B 154 4.39 -21.75 23.87
C GLN B 154 3.07 -21.62 24.60
N ALA B 155 2.73 -22.65 25.38
CA ALA B 155 1.48 -22.63 26.12
C ALA B 155 1.57 -21.65 27.28
N LEU B 156 0.55 -20.80 27.44
CA LEU B 156 0.47 -19.89 28.58
C LEU B 156 -0.41 -20.45 29.70
N VAL B 157 -1.20 -21.46 29.41
CA VAL B 157 -2.00 -22.14 30.41
C VAL B 157 -1.86 -23.64 30.09
N GLN B 158 -2.00 -24.45 31.11
CA GLN B 158 -1.79 -25.87 30.94
C GLN B 158 -3.06 -26.69 30.91
N GLU B 159 -4.16 -26.16 31.45
CA GLU B 159 -5.30 -26.97 31.91
C GLU B 159 -6.60 -26.16 31.83
N ALA B 160 -7.69 -26.79 31.41
CA ALA B 160 -8.99 -26.13 31.42
C ALA B 160 -10.07 -27.21 31.43
N ILE B 161 -11.34 -26.79 31.56
CA ILE B 161 -12.50 -27.70 31.59
C ILE B 161 -13.54 -27.24 30.58
N GLY B 162 -13.98 -28.16 29.71
CA GLY B 162 -15.15 -27.89 28.88
C GLY B 162 -14.84 -27.02 27.68
N VAL B 163 -15.86 -26.78 26.92
CA VAL B 163 -15.79 -25.95 25.72
C VAL B 163 -16.26 -24.54 26.07
N MET B 164 -15.58 -23.53 25.54
CA MET B 164 -15.86 -22.15 25.87
C MET B 164 -16.33 -21.37 24.66
N ARG B 165 -17.06 -20.29 24.92
CA ARG B 165 -17.52 -19.39 23.86
C ARG B 165 -17.46 -17.95 24.35
N ASN B 166 -17.55 -17.07 23.39
CA ASN B 166 -17.54 -15.66 23.66
C ASN B 166 -16.29 -15.28 24.46
N LEU B 167 -15.16 -15.83 24.05
CA LEU B 167 -13.89 -15.44 24.67
C LEU B 167 -13.76 -13.93 24.62
N ASN B 168 -13.36 -13.34 25.73
CA ASN B 168 -13.10 -11.91 25.80
C ASN B 168 -11.77 -11.69 26.52
N ARG B 169 -11.00 -10.73 26.02
CA ARG B 169 -9.67 -10.41 26.51
C ARG B 169 -9.68 -9.01 27.13
N SER B 170 -9.00 -8.84 28.24
CA SER B 170 -8.90 -7.54 28.87
C SER B 170 -7.70 -6.76 28.33
N PRO B 171 -7.62 -5.45 28.62
CA PRO B 171 -6.42 -4.69 28.20
C PRO B 171 -5.12 -5.24 28.77
N SER B 172 -5.14 -5.83 29.97
CA SER B 172 -3.94 -6.39 30.53
C SER B 172 -3.75 -7.87 30.20
N GLY B 173 -4.49 -8.41 29.24
CA GLY B 173 -4.21 -9.75 28.76
C GLY B 173 -4.89 -10.88 29.53
N GLU B 174 -5.89 -10.58 30.36
CA GLU B 174 -6.72 -11.56 31.04
C GLU B 174 -7.83 -12.02 30.10
N TYR B 175 -8.39 -13.20 30.38
CA TYR B 175 -9.50 -13.71 29.60
C TYR B 175 -10.65 -14.12 30.49
N VAL B 176 -11.86 -13.96 29.96
CA VAL B 176 -13.07 -14.52 30.53
C VAL B 176 -13.87 -15.20 29.41
N ALA B 177 -14.45 -16.35 29.71
CA ALA B 177 -15.22 -17.11 28.72
C ALA B 177 -16.42 -17.78 29.40
N VAL B 178 -17.54 -17.83 28.70
CA VAL B 178 -18.74 -18.53 29.15
C VAL B 178 -18.67 -19.97 28.63
N SER B 179 -19.07 -20.95 29.42
CA SER B 179 -19.07 -22.31 28.86
C SER B 179 -20.14 -22.48 27.76
N SER B 180 -19.94 -23.52 26.93
CA SER B 180 -20.77 -23.72 25.73
C SER B 180 -22.25 -23.95 26.06
N ARG B 181 -22.55 -24.46 27.24
CA ARG B 181 -23.92 -24.65 27.67
C ARG B 181 -24.42 -23.51 28.53
N GLY B 182 -23.59 -22.48 28.75
CA GLY B 182 -23.94 -21.38 29.61
C GLY B 182 -24.14 -21.74 31.06
N SER B 183 -23.63 -22.89 31.50
CA SER B 183 -23.85 -23.32 32.88
C SER B 183 -22.88 -22.70 33.88
N PHE B 184 -21.70 -22.26 33.43
CA PHE B 184 -20.70 -21.64 34.29
C PHE B 184 -19.80 -20.77 33.42
N TYR B 185 -18.83 -20.09 34.06
CA TYR B 185 -17.87 -19.30 33.32
C TYR B 185 -16.48 -19.52 33.91
N SER B 186 -15.46 -19.16 33.13
CA SER B 186 -14.08 -19.32 33.58
C SER B 186 -13.28 -18.04 33.33
N THR B 187 -12.27 -17.85 34.15
CA THR B 187 -11.36 -16.71 34.04
C THR B 187 -9.93 -17.22 34.00
N TRP B 188 -9.05 -16.43 33.39
CA TRP B 188 -7.64 -16.76 33.40
C TRP B 188 -6.84 -15.48 33.31
N GLU B 189 -5.70 -15.47 33.98
CA GLU B 189 -4.76 -14.36 33.89
C GLU B 189 -3.35 -14.92 33.85
N PRO B 190 -2.39 -14.16 33.29
CA PRO B 190 -1.03 -14.69 33.12
C PRO B 190 -0.46 -15.18 34.44
N GLY B 191 0.24 -16.32 34.38
CA GLY B 191 0.81 -16.97 35.55
C GLY B 191 -0.05 -18.09 36.13
N GLN B 192 -1.28 -18.24 35.63
CA GLN B 192 -2.15 -19.30 36.11
C GLN B 192 -1.90 -20.55 35.30
N THR B 193 -1.77 -21.68 35.96
CA THR B 193 -1.52 -22.90 35.22
C THR B 193 -2.82 -23.48 34.67
N ALA B 194 -3.97 -23.04 35.21
CA ALA B 194 -5.28 -23.51 34.80
C ALA B 194 -6.24 -22.34 34.79
N TRP B 195 -7.23 -22.40 33.90
CA TRP B 195 -8.38 -21.50 34.05
C TRP B 195 -9.05 -21.80 35.38
N GLU B 196 -9.70 -20.78 35.95
CA GLU B 196 -10.48 -21.00 37.15
C GLU B 196 -11.96 -20.93 36.79
N PRO B 197 -12.71 -22.01 36.97
CA PRO B 197 -14.15 -21.99 36.69
C PRO B 197 -14.92 -21.42 37.87
N HIS B 198 -16.06 -20.77 37.57
CA HIS B 198 -16.89 -20.15 38.57
C HIS B 198 -18.32 -20.60 38.36
N ASN B 199 -19.05 -20.87 39.43
CA ASN B 199 -20.48 -21.13 39.31
C ASN B 199 -21.23 -19.87 38.88
N ARG B 200 -22.24 -20.04 38.02
CA ARG B 200 -23.14 -18.92 37.81
C ARG B 200 -23.93 -18.66 39.07
N THR B 201 -24.40 -17.42 39.22
CA THR B 201 -25.17 -16.99 40.39
C THR B 201 -26.67 -16.89 40.12
N THR B 202 -27.11 -17.07 38.86
CA THR B 202 -28.51 -17.07 38.47
C THR B 202 -28.90 -18.45 37.94
N SER B 203 -30.18 -18.79 38.09
CA SER B 203 -30.74 -19.93 37.35
C SER B 203 -30.65 -19.70 35.86
N ARG B 204 -30.69 -18.46 35.41
CA ARG B 204 -30.65 -18.19 33.98
C ARG B 204 -29.27 -18.52 33.44
N ARG B 205 -29.24 -19.10 32.25
CA ARG B 205 -27.97 -19.48 31.63
C ARG B 205 -27.19 -18.25 31.18
N LEU B 206 -25.86 -18.35 31.30
CA LEU B 206 -24.98 -17.26 30.92
C LEU B 206 -24.81 -17.28 29.40
N HIS B 207 -24.98 -16.14 28.76
CA HIS B 207 -24.78 -16.03 27.32
C HIS B 207 -23.50 -15.31 26.91
N ASN B 208 -23.10 -14.27 27.62
CA ASN B 208 -21.89 -13.56 27.24
C ASN B 208 -21.32 -12.84 28.47
N MET B 209 -19.98 -12.64 28.48
CA MET B 209 -19.31 -11.92 29.56
C MET B 209 -18.06 -11.21 29.05
N GLY B 210 -17.77 -10.06 29.64
CA GLY B 210 -16.59 -9.32 29.28
C GLY B 210 -16.19 -8.32 30.34
N PHE B 211 -15.25 -7.44 29.98
CA PHE B 211 -14.63 -6.53 30.93
C PHE B 211 -15.15 -5.10 30.76
N THR B 212 -15.27 -4.37 31.86
CA THR B 212 -15.61 -2.95 31.81
C THR B 212 -14.34 -2.12 31.70
N PRO B 213 -14.46 -0.80 31.37
CA PRO B 213 -13.27 0.06 31.34
C PRO B 213 -12.73 0.43 32.68
N ASP B 214 -13.20 -0.19 33.75
CA ASP B 214 -12.73 0.13 35.09
C ASP B 214 -12.40 -1.13 35.87
N GLY B 215 -12.17 -2.26 35.19
CA GLY B 215 -11.69 -3.45 35.84
C GLY B 215 -12.75 -4.38 36.41
N ARG B 216 -14.01 -4.17 36.09
CA ARG B 216 -15.07 -5.06 36.54
C ARG B 216 -15.42 -5.97 35.37
N LEU B 217 -16.27 -6.96 35.65
CA LEU B 217 -16.86 -7.79 34.62
C LEU B 217 -18.32 -7.42 34.41
N TRP B 218 -18.82 -7.65 33.20
CA TRP B 218 -20.25 -7.57 32.92
C TRP B 218 -20.71 -8.94 32.43
N MET B 219 -21.99 -9.24 32.58
CA MET B 219 -22.53 -10.49 32.07
C MET B 219 -23.93 -10.28 31.49
N ILE B 220 -24.23 -11.01 30.43
CA ILE B 220 -25.56 -11.13 29.84
C ILE B 220 -26.09 -12.52 30.12
N VAL B 221 -27.32 -12.60 30.63
CA VAL B 221 -27.94 -13.88 30.90
C VAL B 221 -29.23 -13.98 30.11
N ASN B 222 -29.70 -15.22 29.99
CA ASN B 222 -30.91 -15.55 29.25
C ASN B 222 -32.10 -14.77 29.80
N GLY B 223 -32.96 -14.29 28.89
CA GLY B 223 -34.15 -13.55 29.30
C GLY B 223 -33.96 -12.05 29.37
N GLY B 224 -32.94 -11.52 28.72
CA GLY B 224 -32.75 -10.08 28.64
C GLY B 224 -32.30 -9.37 29.91
N LYS B 225 -31.43 -10.02 30.69
CA LYS B 225 -30.97 -9.44 31.94
C LYS B 225 -29.44 -9.29 31.90
N ILE B 226 -28.92 -8.27 32.60
CA ILE B 226 -27.48 -8.05 32.67
C ILE B 226 -27.12 -7.76 34.12
N ALA B 227 -25.81 -7.81 34.40
CA ALA B 227 -25.27 -7.51 35.71
C ALA B 227 -23.80 -7.15 35.58
N PHE B 228 -23.31 -6.51 36.62
CA PHE B 228 -21.94 -6.05 36.71
C PHE B 228 -21.31 -6.58 38.00
N SER B 229 -20.01 -6.87 37.92
CA SER B 229 -19.38 -7.44 39.09
C SER B 229 -19.12 -6.36 40.13
N ASP B 230 -18.90 -6.80 41.35
CA ASP B 230 -18.65 -5.91 42.46
C ASP B 230 -17.23 -5.33 42.33
N PRO B 231 -17.07 -4.01 42.32
CA PRO B 231 -15.71 -3.43 42.22
C PRO B 231 -14.82 -3.85 43.38
N ASP B 232 -15.41 -4.15 44.54
CA ASP B 232 -14.64 -4.58 45.70
C ASP B 232 -14.16 -6.02 45.56
N ASN B 233 -14.83 -6.82 44.73
CA ASN B 233 -14.59 -8.26 44.64
C ASN B 233 -15.19 -8.74 43.33
N SER B 234 -14.35 -9.25 42.42
CA SER B 234 -14.85 -9.56 41.08
C SER B 234 -15.65 -10.84 41.02
N GLU B 235 -15.85 -11.58 42.10
CA GLU B 235 -16.68 -12.77 42.03
C GLU B 235 -18.05 -12.56 42.67
N ASN B 236 -18.30 -11.39 43.24
CA ASN B 236 -19.63 -11.00 43.68
C ASN B 236 -20.26 -10.13 42.60
N TRP B 237 -21.55 -10.35 42.38
CA TRP B 237 -22.28 -9.74 41.30
C TRP B 237 -23.40 -8.89 41.88
N GLY B 238 -23.63 -7.74 41.26
CA GLY B 238 -24.77 -6.92 41.62
C GLY B 238 -26.07 -7.59 41.20
N GLU B 239 -27.18 -6.91 41.48
CA GLU B 239 -28.44 -7.53 41.15
C GLU B 239 -28.68 -7.48 39.64
N LEU B 240 -29.46 -8.43 39.17
CA LEU B 240 -29.75 -8.54 37.76
C LEU B 240 -30.56 -7.33 37.30
N LEU B 241 -30.14 -6.69 36.21
CA LEU B 241 -30.84 -5.54 35.65
C LEU B 241 -31.65 -5.93 34.43
N SER B 242 -32.73 -5.18 34.19
CA SER B 242 -33.65 -5.48 33.09
C SER B 242 -33.77 -4.25 32.19
N PRO B 243 -32.87 -4.06 31.23
CA PRO B 243 -32.87 -2.82 30.43
C PRO B 243 -34.14 -2.54 29.66
N LEU B 244 -34.81 -3.56 29.13
CA LEU B 244 -36.03 -3.38 28.36
C LEU B 244 -37.30 -3.58 29.19
N ARG B 245 -37.18 -3.73 30.52
CA ARG B 245 -38.33 -3.87 31.40
C ARG B 245 -39.17 -5.11 31.07
N ARG B 246 -38.64 -6.02 30.27
CA ARG B 246 -39.28 -7.30 29.96
C ARG B 246 -38.19 -8.33 29.72
N SER B 248 -38.80 -9.11 26.35
CA SER B 248 -38.59 -10.49 25.91
C SER B 248 -37.36 -10.60 24.98
N VAL B 249 -36.67 -9.49 24.80
CA VAL B 249 -35.47 -9.46 23.97
C VAL B 249 -34.36 -10.24 24.65
N GLY B 250 -33.62 -11.03 23.86
CA GLY B 250 -32.36 -11.61 24.33
C GLY B 250 -31.24 -10.71 23.87
N PHE B 251 -30.31 -10.43 24.77
CA PHE B 251 -29.17 -9.60 24.37
C PHE B 251 -27.98 -10.48 23.99
N LEU B 252 -27.16 -9.95 23.10
CA LEU B 252 -26.11 -10.72 22.47
C LEU B 252 -24.72 -10.17 22.74
N ASP B 253 -24.57 -8.86 22.88
CA ASP B 253 -23.25 -8.30 23.15
C ASP B 253 -23.44 -6.96 23.86
N LEU B 254 -22.40 -6.53 24.56
CA LEU B 254 -22.35 -5.28 25.28
C LEU B 254 -20.98 -4.67 25.04
N ALA B 255 -20.93 -3.36 24.78
CA ALA B 255 -19.63 -2.75 24.57
C ALA B 255 -19.67 -1.27 24.98
N TYR B 256 -18.55 -0.81 25.55
CA TYR B 256 -18.41 0.58 25.97
C TYR B 256 -17.82 1.42 24.85
N ARG B 257 -18.40 2.59 24.59
CA ARG B 257 -17.77 3.57 23.71
C ARG B 257 -16.89 4.56 24.49
N THR B 258 -17.30 4.91 25.72
CA THR B 258 -16.59 5.79 26.63
C THR B 258 -16.69 5.20 28.04
N PRO B 259 -16.06 5.76 29.07
CA PRO B 259 -16.27 5.21 30.41
C PRO B 259 -17.74 5.14 30.79
N ASN B 260 -18.58 6.04 30.27
CA ASN B 260 -19.96 6.12 30.74
C ASN B 260 -21.01 5.70 29.74
N GLU B 261 -20.67 5.61 28.46
CA GLU B 261 -21.65 5.26 27.43
C GLU B 261 -21.50 3.80 27.00
N VAL B 262 -22.57 3.02 27.18
CA VAL B 262 -22.58 1.59 26.93
C VAL B 262 -23.64 1.29 25.89
N TRP B 263 -23.33 0.39 24.96
CA TRP B 263 -24.27 -0.08 23.97
C TRP B 263 -24.56 -1.55 24.22
N LEU B 264 -25.81 -1.93 24.03
CA LEU B 264 -26.26 -3.28 24.32
C LEU B 264 -27.06 -3.71 23.11
N ALA B 265 -26.61 -4.77 22.44
CA ALA B 265 -27.19 -5.20 21.18
C ALA B 265 -27.90 -6.52 21.37
N GLY B 266 -29.02 -6.72 20.66
CA GLY B 266 -29.74 -7.96 20.79
C GLY B 266 -30.49 -8.41 19.54
N GLY B 267 -31.42 -9.32 19.71
CA GLY B 267 -32.08 -9.89 18.55
C GLY B 267 -33.09 -8.94 17.96
N ALA B 268 -33.33 -9.13 16.65
CA ALA B 268 -34.42 -8.46 15.94
C ALA B 268 -34.33 -6.95 16.08
N GLY B 269 -33.14 -6.41 15.80
CA GLY B 269 -32.94 -4.98 15.76
C GLY B 269 -32.92 -4.26 17.10
N ALA B 270 -32.85 -4.97 18.22
CA ALA B 270 -32.77 -4.33 19.53
C ALA B 270 -31.38 -3.71 19.71
N LEU B 271 -31.34 -2.42 20.00
CA LEU B 271 -30.09 -1.77 20.31
C LEU B 271 -30.38 -0.66 21.32
N LEU B 272 -29.77 -0.77 22.49
CA LEU B 272 -29.97 0.16 23.57
C LEU B 272 -28.65 0.85 23.89
N CYS B 273 -28.78 2.03 24.46
CA CYS B 273 -27.64 2.83 24.86
C CYS B 273 -27.88 3.33 26.26
N SER B 274 -26.83 3.29 27.09
CA SER B 274 -26.87 3.90 28.40
C SER B 274 -25.79 4.96 28.46
N GLN B 275 -26.15 6.15 28.92
CA GLN B 275 -25.19 7.22 29.02
C GLN B 275 -24.73 7.44 30.46
N ASP B 276 -25.12 6.56 31.38
CA ASP B 276 -24.75 6.67 32.80
C ASP B 276 -24.13 5.39 33.32
N GLY B 277 -23.34 4.72 32.47
CA GLY B 277 -22.60 3.56 32.91
C GLY B 277 -23.44 2.32 33.08
N GLY B 278 -24.63 2.28 32.51
CA GLY B 278 -25.45 1.09 32.57
C GLY B 278 -26.60 1.10 33.55
N GLN B 279 -26.86 2.22 34.20
CA GLN B 279 -27.99 2.26 35.11
C GLN B 279 -29.28 2.45 34.36
N THR B 280 -29.31 3.43 33.48
CA THR B 280 -30.50 3.75 32.74
C THR B 280 -30.27 3.44 31.28
N TRP B 281 -31.31 2.97 30.61
CA TRP B 281 -31.16 2.51 29.23
C TRP B 281 -32.20 3.21 28.37
N GLN B 282 -31.77 3.54 27.15
CA GLN B 282 -32.61 4.11 26.11
C GLN B 282 -32.55 3.28 24.84
N GLN B 283 -33.64 3.27 24.09
CA GLN B 283 -33.68 2.44 22.89
C GLN B 283 -33.30 3.29 21.68
N ASP B 284 -32.40 2.76 20.85
CA ASP B 284 -32.15 3.37 19.55
C ASP B 284 -33.23 2.83 18.62
N VAL B 285 -34.29 3.63 18.44
CA VAL B 285 -35.44 3.11 17.72
C VAL B 285 -35.19 3.05 16.23
N ASP B 286 -34.33 3.93 15.71
CA ASP B 286 -34.14 4.04 14.27
C ASP B 286 -33.59 2.75 13.67
N VAL B 287 -32.77 2.01 14.43
CA VAL B 287 -32.19 0.80 13.83
C VAL B 287 -33.14 -0.38 13.89
N LYS B 288 -34.32 -0.22 14.50
CA LYS B 288 -35.33 -1.27 14.41
C LYS B 288 -35.86 -1.44 12.99
N LYS B 289 -35.61 -0.48 12.11
CA LYS B 289 -35.94 -0.64 10.70
C LYS B 289 -35.16 -1.78 10.05
N VAL B 290 -34.03 -2.18 10.64
CA VAL B 290 -33.07 -3.07 9.99
C VAL B 290 -33.40 -4.49 10.42
N PRO B 291 -33.71 -5.40 9.48
CA PRO B 291 -34.15 -6.77 9.80
C PRO B 291 -32.99 -7.71 10.11
N SER B 292 -32.45 -7.59 11.33
CA SER B 292 -31.25 -8.37 11.64
C SER B 292 -31.05 -8.47 13.15
N ASN B 293 -30.56 -9.64 13.59
CA ASN B 293 -29.95 -9.70 14.90
C ASN B 293 -28.64 -8.93 14.87
N PHE B 294 -28.30 -8.32 15.99
CA PHE B 294 -27.06 -7.57 16.15
C PHE B 294 -26.27 -8.36 17.18
N TYR B 295 -25.24 -9.09 16.76
CA TYR B 295 -24.63 -10.03 17.68
C TYR B 295 -23.28 -9.60 18.23
N LYS B 296 -22.67 -8.55 17.68
CA LYS B 296 -21.33 -8.15 18.12
C LYS B 296 -21.16 -6.66 17.93
N ILE B 297 -20.63 -5.98 18.94
CA ILE B 297 -20.33 -4.55 18.90
C ILE B 297 -18.83 -4.40 19.01
N LEU B 298 -18.23 -3.64 18.10
CA LEU B 298 -16.80 -3.40 18.14
C LEU B 298 -16.56 -1.90 18.06
N PHE B 299 -15.94 -1.32 19.10
CA PHE B 299 -15.51 0.08 19.07
C PHE B 299 -13.99 0.12 18.94
N PHE B 300 -13.49 0.83 17.92
CA PHE B 300 -12.05 0.98 17.75
C PHE B 300 -11.50 2.31 18.26
N SER B 301 -12.35 3.28 18.50
CA SER B 301 -12.01 4.57 19.08
C SER B 301 -13.33 5.17 19.57
N PRO B 302 -13.34 6.33 20.24
CA PRO B 302 -14.64 6.90 20.66
C PRO B 302 -15.56 7.22 19.51
N ASP B 303 -15.06 7.37 18.28
CA ASP B 303 -15.99 7.69 17.21
C ASP B 303 -15.89 6.72 16.04
N GLN B 304 -15.36 5.51 16.26
CA GLN B 304 -15.27 4.52 15.20
C GLN B 304 -15.72 3.18 15.78
N GLY B 305 -16.82 2.66 15.23
CA GLY B 305 -17.45 1.49 15.79
C GLY B 305 -18.28 0.82 14.73
N PHE B 306 -18.49 -0.49 14.91
CA PHE B 306 -19.27 -1.30 14.00
C PHE B 306 -20.08 -2.30 14.79
N ILE B 307 -21.23 -2.67 14.22
CA ILE B 307 -22.10 -3.71 14.74
C ILE B 307 -22.28 -4.76 13.64
N LEU B 308 -22.10 -6.03 13.99
CA LEU B 308 -22.21 -7.11 13.03
C LEU B 308 -23.64 -7.65 13.05
N GLY B 309 -24.28 -7.65 11.87
CA GLY B 309 -25.59 -8.22 11.68
C GLY B 309 -25.56 -9.49 10.84
N GLN B 310 -26.72 -9.86 10.29
CA GLN B 310 -26.81 -11.04 9.44
C GLN B 310 -26.87 -10.64 7.98
N LYS B 311 -26.62 -11.60 7.09
CA LYS B 311 -26.82 -11.38 5.66
C LYS B 311 -25.93 -10.26 5.12
N GLY B 312 -24.75 -10.08 5.71
CA GLY B 312 -23.87 -9.04 5.22
C GLY B 312 -24.25 -7.65 5.67
N ILE B 313 -25.07 -7.53 6.70
CA ILE B 313 -25.48 -6.23 7.21
C ILE B 313 -24.48 -5.80 8.28
N LEU B 314 -24.02 -4.56 8.19
CA LEU B 314 -23.24 -3.93 9.24
C LEU B 314 -23.93 -2.62 9.60
N LEU B 315 -23.84 -2.21 10.87
CA LEU B 315 -24.07 -0.82 11.22
C LEU B 315 -22.71 -0.18 11.43
N ARG B 316 -22.57 1.02 10.91
CA ARG B 316 -21.32 1.78 11.06
C ARG B 316 -21.61 3.02 11.89
N TYR B 317 -20.80 3.26 12.93
CA TYR B 317 -20.92 4.48 13.71
C TYR B 317 -20.48 5.65 12.83
N VAL B 318 -21.32 6.67 12.74
CA VAL B 318 -21.03 7.77 11.82
C VAL B 318 -19.79 8.56 12.23
N THR B 319 -18.69 8.27 11.54
CA THR B 319 -17.41 8.97 11.50
C THR B 319 -16.45 8.54 12.57
N SER C 17 -32.52 16.50 -2.65
CA SER C 17 -32.97 15.63 -3.74
C SER C 17 -32.31 14.25 -3.66
N ILE C 18 -30.98 14.21 -3.73
CA ILE C 18 -30.25 12.96 -3.59
C ILE C 18 -29.43 13.06 -2.30
N PRO C 19 -29.05 11.94 -1.69
CA PRO C 19 -28.28 11.99 -0.44
C PRO C 19 -27.01 12.82 -0.55
N ALA C 20 -26.62 13.42 0.57
CA ALA C 20 -25.37 14.14 0.65
C ALA C 20 -24.26 13.16 0.99
N LEU C 21 -23.10 13.38 0.41
CA LEU C 21 -21.94 12.57 0.74
C LEU C 21 -21.49 12.82 2.20
N ASP C 22 -21.19 11.74 2.94
CA ASP C 22 -20.76 11.93 4.33
C ASP C 22 -19.39 12.55 4.46
N TYR C 23 -18.58 12.51 3.40
CA TYR C 23 -17.20 13.00 3.44
C TYR C 23 -16.93 13.76 2.17
N ASN C 24 -16.13 14.82 2.27
CA ASN C 24 -15.71 15.55 1.08
C ASN C 24 -14.21 15.33 0.88
N PRO C 25 -13.78 14.58 -0.13
CA PRO C 25 -12.34 14.40 -0.38
C PRO C 25 -11.70 15.49 -1.22
N TRP C 26 -12.44 16.55 -1.55
CA TRP C 26 -11.92 17.57 -2.46
C TRP C 26 -11.54 18.81 -1.69
N GLU C 27 -10.31 19.28 -1.91
CA GLU C 27 -9.75 20.46 -1.28
C GLU C 27 -9.67 21.57 -2.32
N ALA C 28 -10.20 22.75 -2.02
CA ALA C 28 -10.11 23.85 -2.97
C ALA C 28 -8.74 24.52 -2.86
N ILE C 29 -8.13 24.79 -4.00
CA ILE C 29 -6.84 25.48 -4.03
C ILE C 29 -7.00 26.73 -4.89
N GLN C 30 -6.43 27.84 -4.43
CA GLN C 30 -6.38 29.06 -5.23
C GLN C 30 -5.00 29.13 -5.87
N LEU C 31 -4.95 28.99 -7.20
CA LEU C 31 -3.70 29.20 -7.90
C LEU C 31 -3.36 30.68 -7.89
N PRO C 32 -2.06 31.04 -8.04
CA PRO C 32 -1.67 32.45 -8.11
C PRO C 32 -1.92 33.08 -9.47
N THR C 33 -3.14 32.90 -9.99
CA THR C 33 -3.58 33.41 -11.27
C THR C 33 -5.10 33.38 -11.31
N THR C 34 -5.67 34.23 -12.17
CA THR C 34 -7.09 34.16 -12.49
C THR C 34 -7.39 33.50 -13.82
N ALA C 35 -6.36 33.00 -14.52
CA ALA C 35 -6.53 32.41 -15.84
C ALA C 35 -7.23 31.06 -15.77
N THR C 36 -8.03 30.77 -16.78
CA THR C 36 -8.66 29.46 -16.88
C THR C 36 -7.62 28.39 -17.19
N ILE C 37 -7.65 27.32 -16.41
CA ILE C 37 -6.74 26.20 -16.60
C ILE C 37 -7.40 25.21 -17.54
N LEU C 38 -6.64 24.70 -18.51
CA LEU C 38 -7.20 23.85 -19.54
C LEU C 38 -6.74 22.42 -19.49
N ASP C 39 -5.56 22.14 -18.92
CA ASP C 39 -5.06 20.77 -18.92
C ASP C 39 -3.99 20.62 -17.88
N MET C 40 -3.70 19.37 -17.55
CA MET C 40 -2.72 19.02 -16.53
C MET C 40 -2.15 17.65 -16.85
N SER C 41 -0.89 17.45 -16.48
CA SER C 41 -0.24 16.16 -16.68
C SER C 41 0.85 15.99 -15.64
N PHE C 42 1.02 14.76 -15.18
CA PHE C 42 1.99 14.44 -14.15
C PHE C 42 3.10 13.55 -14.67
N ILE C 43 4.32 13.88 -14.21
CA ILE C 43 5.48 13.02 -14.44
C ILE C 43 5.49 11.85 -13.45
N ASP C 44 5.32 12.13 -12.16
CA ASP C 44 5.28 11.08 -11.14
C ASP C 44 4.23 11.49 -10.13
N ARG C 45 4.18 10.86 -8.94
CA ARG C 45 3.09 11.26 -8.04
C ARG C 45 3.28 12.68 -7.52
N HIS C 46 4.51 13.21 -7.53
CA HIS C 46 4.79 14.51 -6.93
C HIS C 46 4.98 15.63 -7.94
N HIS C 47 5.52 15.33 -9.13
CA HIS C 47 5.98 16.35 -10.08
C HIS C 47 5.01 16.44 -11.26
N GLY C 48 4.38 17.61 -11.42
CA GLY C 48 3.37 17.77 -12.44
C GLY C 48 3.29 19.17 -12.99
N TRP C 49 2.50 19.32 -14.07
CA TRP C 49 2.39 20.54 -14.85
C TRP C 49 0.94 20.78 -15.25
N LEU C 50 0.60 22.07 -15.34
CA LEU C 50 -0.73 22.50 -15.81
C LEU C 50 -0.55 23.68 -16.75
N VAL C 51 -1.49 23.86 -17.67
CA VAL C 51 -1.43 24.93 -18.67
C VAL C 51 -2.83 25.49 -18.91
N GLY C 52 -2.88 26.72 -19.42
CA GLY C 52 -4.17 27.30 -19.74
C GLY C 52 -4.06 28.53 -20.63
N VAL C 53 -5.07 29.39 -20.53
CA VAL C 53 -5.10 30.59 -21.37
C VAL C 53 -4.03 31.57 -20.90
N ASN C 54 -3.74 32.53 -21.77
CA ASN C 54 -2.72 33.55 -21.54
C ASN C 54 -1.36 32.91 -21.25
N ALA C 55 -1.04 31.86 -22.00
CA ALA C 55 0.25 31.20 -21.90
C ALA C 55 0.55 30.79 -20.47
N THR C 56 -0.48 30.36 -19.76
CA THR C 56 -0.33 29.92 -18.38
C THR C 56 0.41 28.59 -18.34
N LEU C 57 1.46 28.54 -17.54
CA LEU C 57 2.28 27.34 -17.38
C LEU C 57 2.75 27.33 -15.94
N MET C 58 2.40 26.27 -15.21
CA MET C 58 2.77 26.17 -13.80
C MET C 58 3.20 24.75 -13.48
N GLU C 59 4.07 24.63 -12.48
CA GLU C 59 4.68 23.38 -12.05
C GLU C 59 4.39 23.12 -10.58
N THR C 60 4.13 21.85 -10.23
CA THR C 60 4.08 21.42 -8.84
C THR C 60 5.14 20.37 -8.58
N ARG C 61 5.69 20.40 -7.37
CA ARG C 61 6.62 19.38 -6.90
C ARG C 61 6.14 18.66 -5.66
N ASP C 62 4.97 19.02 -5.11
CA ASP C 62 4.43 18.38 -3.92
C ASP C 62 3.12 17.65 -4.22
N GLY C 63 2.99 17.12 -5.43
CA GLY C 63 1.80 16.38 -5.76
C GLY C 63 0.58 17.24 -5.99
N GLY C 64 0.78 18.54 -6.24
CA GLY C 64 -0.32 19.45 -6.54
C GLY C 64 -0.90 20.24 -5.39
N GLN C 65 -0.29 20.20 -4.21
CA GLN C 65 -0.77 21.07 -3.13
C GLN C 65 -0.43 22.53 -3.41
N THR C 66 0.74 22.79 -3.97
CA THR C 66 1.17 24.13 -4.32
C THR C 66 1.66 24.14 -5.75
N TRP C 67 1.40 25.23 -6.46
CA TRP C 67 1.76 25.41 -7.86
C TRP C 67 2.46 26.75 -8.04
N GLU C 68 3.50 26.75 -8.89
CA GLU C 68 4.35 27.92 -9.11
C GLU C 68 4.38 28.31 -10.58
N PRO C 69 4.30 29.60 -10.89
CA PRO C 69 4.29 30.03 -12.30
C PRO C 69 5.62 29.72 -12.96
N ARG C 70 5.55 29.20 -14.18
CA ARG C 70 6.72 28.79 -14.92
C ARG C 70 6.75 29.45 -16.29
N THR C 71 6.31 30.70 -16.35
CA THR C 71 6.24 31.43 -17.61
C THR C 71 7.54 31.38 -18.40
N LEU C 72 7.37 31.19 -19.71
CA LEU C 72 8.44 31.19 -20.70
C LEU C 72 8.43 32.51 -21.44
N VAL C 73 9.58 32.90 -21.99
CA VAL C 73 9.69 34.12 -22.77
C VAL C 73 9.58 33.74 -24.24
N LEU C 74 8.39 33.94 -24.81
CA LEU C 74 8.04 33.58 -26.17
C LEU C 74 7.93 34.86 -26.99
N ASP C 75 7.56 34.72 -28.26
CA ASP C 75 7.49 35.91 -29.10
C ASP C 75 6.30 36.81 -28.77
N HIS C 76 5.25 36.27 -28.14
CA HIS C 76 4.21 37.10 -27.53
C HIS C 76 3.52 36.23 -26.48
N SER C 77 2.63 36.84 -25.69
CA SER C 77 1.99 36.10 -24.61
C SER C 77 0.49 35.88 -24.83
N ASP C 78 0.02 36.03 -26.07
CA ASP C 78 -1.39 35.86 -26.40
C ASP C 78 -1.78 34.39 -26.61
N TYR C 79 -0.87 33.44 -26.37
CA TYR C 79 -1.17 32.04 -26.61
C TYR C 79 -2.15 31.47 -25.59
N ARG C 80 -3.02 30.58 -26.06
CA ARG C 80 -3.85 29.73 -25.21
C ARG C 80 -3.28 28.31 -25.25
N PHE C 81 -2.72 27.83 -24.15
CA PHE C 81 -2.14 26.48 -24.12
C PHE C 81 -3.27 25.48 -23.84
N ASN C 82 -3.62 24.69 -24.83
CA ASN C 82 -4.77 23.80 -24.79
C ASN C 82 -4.48 22.45 -24.18
N SER C 83 -3.23 22.00 -24.22
CA SER C 83 -2.95 20.62 -23.87
C SER C 83 -1.49 20.50 -23.41
N VAL C 84 -1.27 19.71 -22.37
CA VAL C 84 0.07 19.39 -21.91
C VAL C 84 0.13 17.88 -21.68
N SER C 85 1.24 17.23 -22.04
CA SER C 85 1.33 15.80 -21.84
C SER C 85 2.76 15.40 -21.55
N PHE C 86 2.96 14.68 -20.44
CA PHE C 86 4.28 14.14 -20.10
C PHE C 86 4.24 12.62 -20.11
N GLN C 87 5.33 12.04 -20.58
CA GLN C 87 5.62 10.62 -20.42
C GLN C 87 7.00 10.58 -19.81
N GLY C 88 7.08 10.30 -18.51
CA GLY C 88 8.35 10.48 -17.83
C GLY C 88 8.78 11.94 -17.89
N ASN C 89 10.08 12.17 -18.09
CA ASN C 89 10.61 13.53 -18.15
C ASN C 89 10.38 14.22 -19.50
N GLU C 90 9.80 13.55 -20.48
CA GLU C 90 9.54 14.16 -21.78
C GLU C 90 8.13 14.76 -21.80
N GLY C 91 8.04 16.04 -22.07
CA GLY C 91 6.77 16.74 -22.02
C GLY C 91 6.52 17.56 -23.27
N TRP C 92 5.22 17.79 -23.56
CA TRP C 92 4.80 18.53 -24.74
C TRP C 92 3.66 19.46 -24.37
N ILE C 93 3.63 20.64 -24.99
CA ILE C 93 2.53 21.59 -24.88
C ILE C 93 2.14 22.05 -26.27
N VAL C 94 0.84 22.13 -26.56
CA VAL C 94 0.39 22.77 -27.78
C VAL C 94 -0.66 23.81 -27.47
N GLY C 95 -0.79 24.78 -28.37
CA GLY C 95 -1.72 25.85 -28.13
C GLY C 95 -2.07 26.56 -29.43
N GLU C 96 -2.89 27.61 -29.28
CA GLU C 96 -3.34 28.47 -30.36
C GLU C 96 -3.15 29.94 -29.99
N PRO C 97 -2.73 30.79 -30.95
CA PRO C 97 -2.35 30.45 -32.34
C PRO C 97 -1.20 29.42 -32.38
N PRO C 98 -1.03 28.67 -33.50
CA PRO C 98 -0.25 27.43 -33.44
C PRO C 98 1.09 27.58 -32.74
N ILE C 99 1.26 26.79 -31.68
CA ILE C 99 2.53 26.70 -30.97
C ILE C 99 2.70 25.27 -30.46
N MET C 100 3.95 24.81 -30.44
CA MET C 100 4.28 23.54 -29.82
C MET C 100 5.56 23.72 -29.03
N LEU C 101 5.56 23.29 -27.77
CA LEU C 101 6.74 23.30 -26.91
C LEU C 101 7.09 21.88 -26.48
N HIS C 102 8.39 21.63 -26.27
CA HIS C 102 8.87 20.28 -26.00
C HIS C 102 9.97 20.34 -24.96
N THR C 103 9.93 19.40 -24.01
CA THR C 103 10.98 19.29 -23.00
C THR C 103 11.40 17.82 -22.86
N THR C 104 12.66 17.61 -22.52
CA THR C 104 13.17 16.28 -22.18
C THR C 104 13.74 16.23 -20.77
N ASP C 105 13.64 17.31 -20.00
CA ASP C 105 14.25 17.34 -18.68
C ASP C 105 13.22 17.68 -17.61
N GLY C 106 11.97 17.23 -17.81
CA GLY C 106 10.96 17.46 -16.81
C GLY C 106 10.46 18.88 -16.76
N GLY C 107 10.66 19.67 -17.82
CA GLY C 107 10.20 21.05 -17.83
C GLY C 107 11.18 22.06 -17.28
N GLN C 108 12.41 21.64 -16.95
CA GLN C 108 13.44 22.59 -16.57
C GLN C 108 13.85 23.49 -17.74
N SER C 109 13.72 23.00 -18.98
CA SER C 109 14.01 23.79 -20.17
C SER C 109 13.13 23.31 -21.31
N TRP C 110 12.72 24.23 -22.16
CA TRP C 110 11.79 23.94 -23.24
C TRP C 110 12.32 24.46 -24.56
N SER C 111 11.93 23.81 -25.65
CA SER C 111 12.17 24.39 -26.95
C SER C 111 10.87 24.43 -27.74
N GLN C 112 10.78 25.44 -28.60
CA GLN C 112 9.64 25.60 -29.48
C GLN C 112 9.91 24.85 -30.79
N ILE C 113 8.91 24.07 -31.21
CA ILE C 113 8.95 23.31 -32.45
C ILE C 113 8.13 24.07 -33.48
N PRO C 114 8.74 24.63 -34.53
CA PRO C 114 7.98 25.37 -35.55
C PRO C 114 6.98 24.45 -36.23
N LEU C 115 5.74 24.92 -36.36
CA LEU C 115 4.70 24.17 -37.04
C LEU C 115 4.45 24.74 -38.43
N ASP C 116 4.31 23.86 -39.41
CA ASP C 116 4.05 24.29 -40.77
C ASP C 116 2.81 25.18 -40.83
N PRO C 117 2.88 26.37 -41.45
CA PRO C 117 1.70 27.24 -41.48
C PRO C 117 0.50 26.66 -42.24
N LYS C 118 0.68 25.60 -43.03
CA LYS C 118 -0.43 24.97 -43.70
C LYS C 118 -1.14 23.92 -42.84
N LEU C 119 -0.78 23.83 -41.56
CA LEU C 119 -1.47 22.93 -40.63
C LEU C 119 -2.97 23.23 -40.66
N PRO C 120 -3.83 22.21 -40.82
CA PRO C 120 -5.27 22.46 -40.85
C PRO C 120 -5.78 22.72 -39.43
N GLY C 121 -6.23 23.95 -39.18
CA GLY C 121 -6.71 24.32 -37.88
C GLY C 121 -5.56 24.61 -36.92
N SER C 122 -5.90 24.71 -35.66
CA SER C 122 -4.89 24.96 -34.66
C SER C 122 -4.76 23.74 -33.74
N PRO C 123 -3.60 23.54 -33.13
CA PRO C 123 -3.41 22.35 -32.26
C PRO C 123 -4.36 22.37 -31.08
N ARG C 124 -5.00 21.23 -30.84
CA ARG C 124 -5.94 21.10 -29.75
C ARG C 124 -5.49 20.12 -28.69
N LEU C 125 -4.81 19.06 -29.07
CA LEU C 125 -4.39 18.03 -28.12
C LEU C 125 -3.04 17.48 -28.54
N ILE C 126 -2.16 17.22 -27.56
CA ILE C 126 -0.94 16.46 -27.79
C ILE C 126 -0.85 15.32 -26.77
N LYS C 127 -0.35 14.18 -27.21
CA LYS C 127 -0.19 13.02 -26.33
C LYS C 127 1.26 12.55 -26.41
N ALA C 128 1.93 12.57 -25.27
CA ALA C 128 3.32 12.13 -25.21
C ALA C 128 3.31 10.60 -25.18
N LEU C 129 4.00 9.98 -26.14
CA LEU C 129 4.11 8.52 -26.15
C LEU C 129 5.46 8.05 -25.63
N GLY C 130 6.36 8.99 -25.32
CA GLY C 130 7.67 8.66 -24.80
C GLY C 130 8.71 8.44 -25.87
N ASN C 131 9.97 8.56 -25.46
CA ASN C 131 11.14 8.24 -26.28
C ASN C 131 11.07 8.86 -27.67
N GLY C 132 10.69 10.14 -27.71
CA GLY C 132 10.69 10.93 -28.92
C GLY C 132 9.40 10.90 -29.74
N SER C 133 8.39 10.16 -29.33
CA SER C 133 7.15 10.06 -30.07
C SER C 133 6.03 10.82 -29.39
N ALA C 134 5.14 11.37 -30.21
CA ALA C 134 4.00 12.10 -29.72
C ALA C 134 2.99 12.14 -30.86
N GLU C 135 1.71 12.26 -30.52
CA GLU C 135 0.70 12.50 -31.54
C GLU C 135 -0.09 13.75 -31.17
N MET C 136 -0.49 14.48 -32.20
CA MET C 136 -1.16 15.77 -32.07
C MET C 136 -2.43 15.79 -32.92
N ILE C 137 -3.49 16.39 -32.39
CA ILE C 137 -4.75 16.56 -33.09
C ILE C 137 -5.07 18.04 -33.12
N THR C 138 -5.52 18.53 -34.27
CA THR C 138 -5.90 19.93 -34.39
C THR C 138 -7.41 20.08 -34.14
N ASN C 139 -7.87 21.33 -34.04
CA ASN C 139 -9.27 21.57 -33.71
C ASN C 139 -10.24 21.14 -34.81
N VAL C 140 -9.77 20.95 -36.05
CA VAL C 140 -10.65 20.43 -37.10
C VAL C 140 -10.39 18.94 -37.37
N GLY C 141 -9.64 18.27 -36.49
CA GLY C 141 -9.49 16.84 -36.59
C GLY C 141 -8.32 16.33 -37.43
N ALA C 142 -7.39 17.18 -37.83
CA ALA C 142 -6.16 16.67 -38.41
C ALA C 142 -5.33 16.01 -37.32
N ILE C 143 -4.73 14.88 -37.65
CA ILE C 143 -3.95 14.06 -36.72
C ILE C 143 -2.56 13.83 -37.30
N TYR C 144 -1.54 14.11 -36.51
CA TYR C 144 -0.15 13.98 -36.93
C TYR C 144 0.62 13.25 -35.84
N ARG C 145 1.64 12.49 -36.25
CA ARG C 145 2.53 11.88 -35.28
C ARG C 145 3.99 12.09 -35.64
N THR C 146 4.82 12.14 -34.60
CA THR C 146 6.25 12.27 -34.75
C THR C 146 6.90 11.10 -34.02
N LYS C 147 8.03 10.66 -34.54
CA LYS C 147 8.84 9.65 -33.87
C LYS C 147 10.24 10.16 -33.58
N ASP C 148 10.54 11.40 -33.95
CA ASP C 148 11.88 11.97 -33.80
C ASP C 148 11.81 13.33 -33.10
N SER C 149 11.09 13.38 -31.98
CA SER C 149 11.05 14.57 -31.11
C SER C 149 10.57 15.81 -31.84
N GLY C 150 9.71 15.61 -32.84
CA GLY C 150 9.05 16.74 -33.48
C GLY C 150 9.78 17.33 -34.66
N LYS C 151 10.87 16.71 -35.11
CA LYS C 151 11.53 17.19 -36.31
C LYS C 151 10.76 16.80 -37.56
N ASN C 152 10.05 15.67 -37.55
CA ASN C 152 9.24 15.30 -38.69
C ASN C 152 7.90 14.76 -38.23
N TRP C 153 6.86 15.06 -39.01
CA TRP C 153 5.51 14.60 -38.71
C TRP C 153 4.87 13.89 -39.90
N GLN C 154 4.14 12.83 -39.61
CA GLN C 154 3.23 12.14 -40.53
C GLN C 154 1.78 12.51 -40.33
N ALA C 155 1.10 12.82 -41.43
CA ALA C 155 -0.34 12.97 -41.36
C ALA C 155 -0.96 11.58 -41.30
N LEU C 156 -1.80 11.34 -40.30
CA LEU C 156 -2.56 10.11 -40.20
C LEU C 156 -3.97 10.28 -40.70
N VAL C 157 -4.47 11.51 -40.65
CA VAL C 157 -5.77 11.90 -41.17
C VAL C 157 -5.59 13.30 -41.71
N GLN C 158 -5.97 13.54 -42.97
CA GLN C 158 -5.88 14.90 -43.47
C GLN C 158 -7.24 15.58 -43.65
N GLU C 159 -8.24 14.91 -44.21
CA GLU C 159 -9.52 15.61 -44.30
C GLU C 159 -10.13 15.86 -42.92
N ALA C 160 -10.53 17.12 -42.73
CA ALA C 160 -11.05 17.67 -41.50
C ALA C 160 -12.49 17.26 -41.26
N ILE C 161 -12.84 17.18 -39.99
CA ILE C 161 -14.22 17.24 -39.56
C ILE C 161 -14.46 18.67 -39.11
N GLY C 162 -15.67 18.99 -38.69
CA GLY C 162 -15.90 20.32 -38.16
C GLY C 162 -15.09 20.60 -36.92
N VAL C 163 -15.26 21.79 -36.33
CA VAL C 163 -14.53 22.08 -35.11
C VAL C 163 -15.20 21.27 -34.00
N MET C 164 -14.43 20.84 -33.02
CA MET C 164 -14.90 19.95 -31.97
C MET C 164 -15.21 20.72 -30.70
N ARG C 165 -16.34 20.39 -30.08
CA ARG C 165 -16.69 20.90 -28.76
C ARG C 165 -15.88 20.22 -27.66
N ASN C 166 -15.55 18.94 -27.84
CA ASN C 166 -14.83 18.17 -26.83
C ASN C 166 -14.11 17.03 -27.51
N LEU C 167 -13.01 16.60 -26.89
CA LEU C 167 -12.16 15.52 -27.39
C LEU C 167 -11.62 14.72 -26.21
N ASN C 168 -11.69 13.39 -26.29
CA ASN C 168 -11.16 12.51 -25.26
C ASN C 168 -10.52 11.29 -25.90
N ARG C 169 -9.50 10.76 -25.21
CA ARG C 169 -8.69 9.66 -25.69
C ARG C 169 -8.92 8.41 -24.84
N SER C 170 -8.95 7.23 -25.48
CA SER C 170 -9.10 5.96 -24.78
C SER C 170 -7.73 5.40 -24.36
N PRO C 171 -7.71 4.37 -23.50
CA PRO C 171 -6.41 3.74 -23.16
C PRO C 171 -5.66 3.18 -24.34
N SER C 172 -6.34 2.64 -25.35
CA SER C 172 -5.65 2.12 -26.52
C SER C 172 -5.48 3.16 -27.61
N GLY C 173 -5.73 4.44 -27.31
CA GLY C 173 -5.47 5.47 -28.29
C GLY C 173 -6.60 5.77 -29.25
N GLU C 174 -7.82 5.32 -28.96
CA GLU C 174 -8.93 5.79 -29.77
C GLU C 174 -9.35 7.18 -29.30
N TYR C 175 -9.97 7.95 -30.18
CA TYR C 175 -10.42 9.27 -29.81
C TYR C 175 -11.90 9.38 -30.10
N VAL C 176 -12.58 10.18 -29.30
CA VAL C 176 -13.97 10.52 -29.56
C VAL C 176 -14.09 12.02 -29.48
N ALA C 177 -14.79 12.61 -30.44
CA ALA C 177 -14.89 14.05 -30.52
C ALA C 177 -16.35 14.42 -30.71
N VAL C 178 -16.84 15.37 -29.90
CA VAL C 178 -18.19 15.87 -30.02
C VAL C 178 -18.18 16.99 -31.04
N SER C 179 -19.13 16.99 -31.96
CA SER C 179 -19.23 18.05 -32.94
C SER C 179 -19.52 19.39 -32.26
N SER C 180 -19.34 20.45 -33.03
CA SER C 180 -19.29 21.82 -32.51
C SER C 180 -20.51 22.17 -31.66
N ARG C 181 -21.71 21.90 -32.17
CA ARG C 181 -22.93 22.21 -31.43
C ARG C 181 -23.59 20.95 -30.87
N GLY C 182 -22.85 19.85 -30.81
CA GLY C 182 -23.36 18.68 -30.15
C GLY C 182 -24.39 17.88 -30.92
N SER C 183 -24.50 18.05 -32.24
CA SER C 183 -25.49 17.23 -32.93
C SER C 183 -24.99 15.81 -33.19
N PHE C 184 -23.66 15.58 -33.18
CA PHE C 184 -23.16 14.22 -33.41
C PHE C 184 -21.76 14.12 -32.80
N TYR C 185 -21.19 12.92 -32.90
CA TYR C 185 -19.80 12.68 -32.48
C TYR C 185 -19.10 11.81 -33.53
N SER C 186 -17.78 11.80 -33.47
CA SER C 186 -16.95 11.02 -34.37
C SER C 186 -15.87 10.31 -33.57
N THR C 187 -15.44 9.16 -34.09
CA THR C 187 -14.37 8.39 -33.49
C THR C 187 -13.29 8.10 -34.52
N TRP C 188 -12.09 7.89 -34.01
CA TRP C 188 -10.92 7.55 -34.80
C TRP C 188 -10.01 6.70 -33.94
N GLU C 189 -9.36 5.72 -34.55
CA GLU C 189 -8.38 4.90 -33.86
C GLU C 189 -7.24 4.58 -34.82
N PRO C 190 -6.05 4.27 -34.30
CA PRO C 190 -4.89 4.08 -35.17
C PRO C 190 -5.19 3.09 -36.27
N GLY C 191 -4.72 3.43 -37.47
CA GLY C 191 -4.95 2.66 -38.67
C GLY C 191 -6.10 3.16 -39.53
N GLN C 192 -6.93 4.04 -39.01
CA GLN C 192 -8.03 4.63 -39.76
C GLN C 192 -7.56 5.87 -40.50
N THR C 193 -7.97 5.98 -41.77
CA THR C 193 -7.65 7.12 -42.62
C THR C 193 -8.61 8.29 -42.45
N ALA C 194 -9.77 8.08 -41.81
CA ALA C 194 -10.76 9.12 -41.60
C ALA C 194 -11.46 8.93 -40.26
N TRP C 195 -11.95 10.03 -39.69
CA TRP C 195 -12.89 9.93 -38.59
C TRP C 195 -14.18 9.26 -39.06
N GLU C 196 -14.83 8.54 -38.15
CA GLU C 196 -16.12 7.95 -38.48
C GLU C 196 -17.21 8.66 -37.69
N PRO C 197 -18.19 9.27 -38.37
CA PRO C 197 -19.24 9.98 -37.65
C PRO C 197 -20.33 9.03 -37.16
N HIS C 198 -20.89 9.36 -36.02
CA HIS C 198 -21.94 8.53 -35.44
C HIS C 198 -23.15 9.38 -35.14
N ASN C 199 -24.32 8.79 -35.38
CA ASN C 199 -25.55 9.42 -34.93
C ASN C 199 -25.61 9.35 -33.41
N ARG C 200 -26.00 10.46 -32.78
CA ARG C 200 -26.42 10.35 -31.40
C ARG C 200 -27.79 9.67 -31.38
N THR C 201 -28.07 8.94 -30.31
CA THR C 201 -29.32 8.21 -30.20
C THR C 201 -30.31 8.94 -29.32
N THR C 202 -29.88 10.06 -28.76
CA THR C 202 -30.72 10.91 -27.93
C THR C 202 -31.19 12.12 -28.72
N SER C 203 -32.40 12.58 -28.40
CA SER C 203 -32.84 13.87 -28.90
C SER C 203 -32.01 15.02 -28.33
N ARG C 204 -31.44 14.85 -27.14
CA ARG C 204 -30.65 15.90 -26.48
C ARG C 204 -29.26 16.06 -27.09
N ARG C 205 -28.78 17.31 -27.12
CA ARG C 205 -27.48 17.64 -27.68
C ARG C 205 -26.33 17.18 -26.79
N LEU C 206 -25.25 16.75 -27.43
CA LEU C 206 -24.10 16.22 -26.73
C LEU C 206 -23.27 17.34 -26.12
N HIS C 207 -22.89 17.19 -24.85
CA HIS C 207 -22.00 18.14 -24.23
C HIS C 207 -20.59 17.61 -24.10
N ASN C 208 -20.42 16.35 -23.70
CA ASN C 208 -19.09 15.79 -23.56
C ASN C 208 -19.21 14.28 -23.68
N MET C 209 -18.13 13.63 -24.11
CA MET C 209 -18.10 12.18 -24.20
C MET C 209 -16.69 11.70 -23.92
N GLY C 210 -16.57 10.49 -23.37
CA GLY C 210 -15.29 9.84 -23.15
C GLY C 210 -15.49 8.36 -23.00
N PHE C 211 -14.44 7.67 -22.55
CA PHE C 211 -14.39 6.22 -22.41
C PHE C 211 -14.44 5.77 -20.96
N THR C 212 -15.10 4.63 -20.74
CA THR C 212 -15.14 3.98 -19.43
C THR C 212 -13.92 3.09 -19.29
N PRO C 213 -13.64 2.57 -18.10
CA PRO C 213 -12.56 1.60 -17.93
C PRO C 213 -12.90 0.19 -18.39
N ASP C 214 -13.99 -0.01 -19.14
CA ASP C 214 -14.38 -1.36 -19.54
C ASP C 214 -14.81 -1.46 -20.99
N GLY C 215 -14.39 -0.52 -21.83
CA GLY C 215 -14.65 -0.66 -23.23
C GLY C 215 -15.93 -0.03 -23.72
N ARG C 216 -16.54 0.84 -22.92
CA ARG C 216 -17.71 1.61 -23.30
C ARG C 216 -17.36 3.09 -23.47
N LEU C 217 -18.31 3.79 -24.08
CA LEU C 217 -18.33 5.24 -24.14
C LEU C 217 -19.39 5.74 -23.17
N TRP C 218 -19.15 6.94 -22.64
CA TRP C 218 -20.16 7.68 -21.89
C TRP C 218 -20.45 9.01 -22.58
N MET C 219 -21.62 9.57 -22.29
CA MET C 219 -21.99 10.88 -22.83
C MET C 219 -22.79 11.67 -21.79
N ILE C 220 -22.53 12.98 -21.76
CA ILE C 220 -23.31 13.97 -21.02
C ILE C 220 -24.08 14.77 -22.05
N VAL C 221 -25.41 14.91 -21.85
CA VAL C 221 -26.24 15.62 -22.82
C VAL C 221 -26.96 16.77 -22.11
N ASN C 222 -27.45 17.69 -22.92
CA ASN C 222 -28.14 18.85 -22.37
C ASN C 222 -29.30 18.44 -21.48
N GLY C 223 -29.46 19.15 -20.37
CA GLY C 223 -30.55 18.90 -19.44
C GLY C 223 -30.15 18.00 -18.29
N GLY C 224 -28.86 17.82 -18.04
CA GLY C 224 -28.43 17.09 -16.86
C GLY C 224 -28.60 15.58 -16.92
N LYS C 225 -28.35 14.98 -18.08
CA LYS C 225 -28.49 13.54 -18.26
C LYS C 225 -27.23 12.90 -18.81
N ILE C 226 -27.06 11.61 -18.51
CA ILE C 226 -25.92 10.85 -19.01
C ILE C 226 -26.42 9.51 -19.54
N ALA C 227 -25.55 8.82 -20.27
CA ALA C 227 -25.86 7.49 -20.76
C ALA C 227 -24.55 6.78 -21.03
N PHE C 228 -24.62 5.45 -21.12
CA PHE C 228 -23.44 4.65 -21.39
C PHE C 228 -23.72 3.75 -22.60
N SER C 229 -22.68 3.51 -23.39
CA SER C 229 -22.88 2.71 -24.59
C SER C 229 -22.94 1.23 -24.26
N ASP C 230 -23.44 0.46 -25.22
CA ASP C 230 -23.51 -0.99 -25.14
C ASP C 230 -22.09 -1.54 -25.31
N PRO C 231 -21.57 -2.30 -24.34
CA PRO C 231 -20.18 -2.76 -24.47
C PRO C 231 -19.96 -3.67 -25.66
N ASP C 232 -20.96 -4.46 -26.03
CA ASP C 232 -20.89 -5.38 -27.16
C ASP C 232 -21.19 -4.72 -28.50
N ASN C 233 -21.82 -3.54 -28.50
CA ASN C 233 -22.25 -2.87 -29.72
C ASN C 233 -22.14 -1.37 -29.42
N SER C 234 -20.92 -0.85 -29.56
CA SER C 234 -20.56 0.51 -29.14
C SER C 234 -21.36 1.60 -29.83
N GLU C 235 -22.27 1.22 -30.73
CA GLU C 235 -23.12 2.17 -31.41
C GLU C 235 -24.56 2.14 -30.89
N ASN C 236 -24.86 1.25 -29.97
CA ASN C 236 -26.13 1.21 -29.25
C ASN C 236 -25.93 1.81 -27.86
N TRP C 237 -26.90 2.59 -27.41
CA TRP C 237 -26.79 3.36 -26.18
C TRP C 237 -27.86 2.95 -25.20
N GLY C 238 -27.51 2.92 -23.92
CA GLY C 238 -28.50 2.69 -22.88
C GLY C 238 -29.41 3.91 -22.78
N GLU C 239 -30.42 3.80 -21.94
CA GLU C 239 -31.33 4.93 -21.88
C GLU C 239 -30.71 6.03 -21.00
N LEU C 240 -31.30 7.21 -21.09
CA LEU C 240 -30.77 8.34 -20.33
C LEU C 240 -31.03 8.18 -18.85
N LEU C 241 -30.00 8.48 -18.07
CA LEU C 241 -30.07 8.50 -16.62
C LEU C 241 -30.09 9.94 -16.16
N SER C 242 -30.67 10.18 -14.98
CA SER C 242 -30.83 11.53 -14.44
C SER C 242 -30.16 11.57 -13.07
N PRO C 243 -28.87 11.89 -13.00
CA PRO C 243 -28.18 11.79 -11.71
C PRO C 243 -28.79 12.66 -10.62
N LEU C 244 -29.19 13.89 -10.93
CA LEU C 244 -29.81 14.74 -9.92
C LEU C 244 -31.33 14.77 -10.05
N ARG C 245 -31.89 13.99 -10.97
CA ARG C 245 -33.34 13.92 -11.16
C ARG C 245 -33.92 15.28 -11.49
N SER C 248 -32.21 20.27 -14.05
CA SER C 248 -32.04 21.55 -13.39
C SER C 248 -30.56 21.97 -13.28
N VAL C 249 -29.67 21.06 -13.62
CA VAL C 249 -28.24 21.30 -13.54
C VAL C 249 -27.60 20.78 -14.81
N GLY C 250 -26.61 21.50 -15.33
CA GLY C 250 -25.80 21.02 -16.44
C GLY C 250 -24.50 20.40 -15.97
N PHE C 251 -24.18 19.24 -16.52
CA PHE C 251 -22.91 18.57 -16.23
C PHE C 251 -21.90 18.82 -17.34
N LEU C 252 -20.63 18.75 -16.97
CA LEU C 252 -19.56 19.15 -17.88
C LEU C 252 -18.53 18.04 -18.10
N ASP C 253 -18.27 17.21 -17.10
CA ASP C 253 -17.30 16.13 -17.28
C ASP C 253 -17.59 14.99 -16.31
N LEU C 254 -17.06 13.82 -16.68
CA LEU C 254 -17.23 12.59 -15.92
C LEU C 254 -15.89 11.87 -15.91
N ALA C 255 -15.50 11.32 -14.75
CA ALA C 255 -14.24 10.59 -14.69
C ALA C 255 -14.29 9.54 -13.59
N TYR C 256 -13.71 8.39 -13.88
CA TYR C 256 -13.63 7.27 -12.95
C TYR C 256 -12.36 7.37 -12.12
N ARG C 257 -12.50 7.15 -10.81
CA ARG C 257 -11.35 6.98 -9.93
C ARG C 257 -10.95 5.52 -9.79
N THR C 258 -11.94 4.61 -9.79
CA THR C 258 -11.76 3.16 -9.71
C THR C 258 -12.73 2.57 -10.73
N PRO C 259 -12.74 1.25 -10.96
CA PRO C 259 -13.76 0.69 -11.85
C PRO C 259 -15.19 1.04 -11.46
N ASN C 260 -15.47 1.25 -10.16
CA ASN C 260 -16.84 1.43 -9.71
C ASN C 260 -17.19 2.84 -9.22
N GLU C 261 -16.20 3.66 -8.88
CA GLU C 261 -16.46 5.00 -8.33
C GLU C 261 -16.29 6.03 -9.44
N VAL C 262 -17.36 6.76 -9.72
CA VAL C 262 -17.43 7.75 -10.80
C VAL C 262 -17.76 9.09 -10.20
N TRP C 263 -17.07 10.14 -10.66
CA TRP C 263 -17.32 11.51 -10.27
C TRP C 263 -17.88 12.28 -11.46
N LEU C 264 -18.80 13.19 -11.19
CA LEU C 264 -19.52 13.90 -12.24
C LEU C 264 -19.56 15.37 -11.85
N ALA C 265 -18.93 16.22 -12.65
CA ALA C 265 -18.75 17.63 -12.32
C ALA C 265 -19.58 18.52 -13.24
N GLY C 266 -20.12 19.60 -12.69
CA GLY C 266 -20.94 20.50 -13.52
C GLY C 266 -20.93 21.96 -13.13
N GLY C 267 -21.94 22.71 -13.60
CA GLY C 267 -21.97 24.13 -13.34
C GLY C 267 -22.38 24.42 -11.91
N ALA C 268 -21.97 25.59 -11.42
CA ALA C 268 -22.44 26.13 -10.13
C ALA C 268 -22.19 25.14 -8.99
N GLY C 269 -20.96 24.66 -8.88
CA GLY C 269 -20.60 23.85 -7.74
C GLY C 269 -21.17 22.44 -7.72
N ALA C 270 -21.74 21.96 -8.82
CA ALA C 270 -22.28 20.61 -8.86
C ALA C 270 -21.15 19.58 -8.94
N LEU C 271 -21.11 18.65 -7.99
CA LEU C 271 -20.16 17.55 -8.05
C LEU C 271 -20.79 16.32 -7.40
N LEU C 272 -20.96 15.26 -8.17
CA LEU C 272 -21.62 14.06 -7.68
C LEU C 272 -20.65 12.88 -7.73
N CYS C 273 -20.94 11.87 -6.90
CA CYS C 273 -20.14 10.68 -6.84
C CYS C 273 -21.07 9.47 -6.85
N SER C 274 -20.69 8.48 -7.65
CA SER C 274 -21.41 7.20 -7.70
C SER C 274 -20.44 6.08 -7.35
N GLN C 275 -20.91 5.15 -6.51
CA GLN C 275 -20.12 4.01 -6.09
C GLN C 275 -20.54 2.72 -6.77
N ASP C 276 -21.48 2.76 -7.71
CA ASP C 276 -21.94 1.57 -8.42
C ASP C 276 -21.84 1.75 -9.92
N GLY C 277 -20.80 2.41 -10.39
CA GLY C 277 -20.58 2.52 -11.81
C GLY C 277 -21.49 3.49 -12.55
N GLY C 278 -22.10 4.44 -11.84
CA GLY C 278 -22.91 5.46 -12.47
C GLY C 278 -24.41 5.31 -12.36
N GLN C 279 -24.91 4.27 -11.66
CA GLN C 279 -26.35 4.11 -11.52
C GLN C 279 -26.94 5.01 -10.45
N THR C 280 -26.42 4.98 -9.23
CA THR C 280 -26.96 5.80 -8.14
C THR C 280 -25.92 6.83 -7.71
N TRP C 281 -26.38 8.00 -7.26
CA TRP C 281 -25.47 9.12 -7.03
C TRP C 281 -25.69 9.75 -5.66
N GLN C 282 -24.62 10.29 -5.09
CA GLN C 282 -24.72 11.16 -3.92
C GLN C 282 -24.02 12.49 -4.23
N GLN C 283 -24.47 13.56 -3.59
CA GLN C 283 -23.95 14.89 -3.87
C GLN C 283 -22.90 15.29 -2.85
N ASP C 284 -21.77 15.82 -3.34
CA ASP C 284 -20.78 16.45 -2.47
C ASP C 284 -21.25 17.88 -2.22
N VAL C 285 -21.86 18.11 -1.06
CA VAL C 285 -22.49 19.40 -0.81
C VAL C 285 -21.47 20.47 -0.45
N ASP C 286 -20.30 20.09 0.05
CA ASP C 286 -19.34 21.09 0.52
C ASP C 286 -18.87 21.99 -0.62
N VAL C 287 -18.71 21.43 -1.84
CA VAL C 287 -18.17 22.23 -2.94
C VAL C 287 -19.21 23.08 -3.64
N LYS C 288 -20.50 22.90 -3.33
CA LYS C 288 -21.51 23.86 -3.78
C LYS C 288 -21.13 25.29 -3.42
N LYS C 289 -20.43 25.46 -2.29
CA LYS C 289 -20.02 26.79 -1.86
C LYS C 289 -19.09 27.44 -2.87
N VAL C 290 -18.19 26.65 -3.48
CA VAL C 290 -17.11 27.15 -4.33
C VAL C 290 -17.70 27.86 -5.55
N PRO C 291 -17.39 29.14 -5.74
CA PRO C 291 -17.99 29.92 -6.84
C PRO C 291 -17.28 29.69 -8.17
N SER C 292 -17.56 28.54 -8.78
CA SER C 292 -16.88 28.12 -10.01
C SER C 292 -17.67 27.03 -10.71
N ASN C 293 -17.68 27.06 -12.04
CA ASN C 293 -18.02 25.87 -12.80
C ASN C 293 -16.87 24.85 -12.70
N PHE C 294 -17.24 23.57 -12.74
CA PHE C 294 -16.26 22.47 -12.68
C PHE C 294 -16.24 21.80 -14.05
N TYR C 295 -15.24 22.18 -14.85
CA TYR C 295 -15.19 21.90 -16.28
C TYR C 295 -14.59 20.53 -16.61
N LYS C 296 -13.64 20.06 -15.81
CA LYS C 296 -12.79 18.95 -16.22
C LYS C 296 -12.29 18.21 -14.98
N ILE C 297 -12.41 16.89 -14.98
CA ILE C 297 -11.92 16.04 -13.91
C ILE C 297 -10.78 15.20 -14.47
N LEU C 298 -9.66 15.15 -13.76
CA LEU C 298 -8.52 14.34 -14.14
C LEU C 298 -8.07 13.51 -12.94
N PHE C 299 -8.09 12.19 -13.08
CA PHE C 299 -7.50 11.29 -12.10
C PHE C 299 -6.23 10.71 -12.67
N PHE C 300 -5.14 10.86 -11.93
CA PHE C 300 -3.86 10.30 -12.34
C PHE C 300 -3.57 8.97 -11.68
N SER C 301 -4.28 8.66 -10.61
CA SER C 301 -4.20 7.37 -9.95
C SER C 301 -5.43 7.29 -9.05
N PRO C 302 -5.70 6.17 -8.39
CA PRO C 302 -6.83 6.16 -7.44
C PRO C 302 -6.66 7.13 -6.29
N ASP C 303 -5.44 7.61 -6.04
CA ASP C 303 -5.15 8.51 -4.92
C ASP C 303 -5.04 9.97 -5.31
N GLN C 304 -4.93 10.28 -6.61
CA GLN C 304 -4.48 11.59 -7.05
C GLN C 304 -5.33 12.07 -8.21
N GLY C 305 -6.00 13.22 -8.01
CA GLY C 305 -6.95 13.73 -8.98
C GLY C 305 -7.19 15.21 -8.78
N PHE C 306 -7.62 15.87 -9.85
CA PHE C 306 -7.87 17.30 -9.84
C PHE C 306 -9.12 17.63 -10.64
N ILE C 307 -9.78 18.73 -10.25
CA ILE C 307 -10.91 19.30 -11.00
C ILE C 307 -10.56 20.74 -11.34
N LEU C 308 -10.71 21.09 -12.62
CA LEU C 308 -10.34 22.40 -13.12
C LEU C 308 -11.54 23.33 -13.05
N GLY C 309 -11.38 24.46 -12.36
CA GLY C 309 -12.41 25.45 -12.27
C GLY C 309 -12.02 26.72 -13.02
N GLN C 310 -12.70 27.80 -12.68
CA GLN C 310 -12.41 29.10 -13.27
C GLN C 310 -11.74 29.99 -12.23
N LYS C 311 -11.13 31.06 -12.72
CA LYS C 311 -10.57 32.08 -11.84
C LYS C 311 -9.43 31.51 -11.00
N GLY C 312 -8.70 30.57 -11.57
CA GLY C 312 -7.56 29.97 -10.94
C GLY C 312 -7.86 28.94 -9.88
N ILE C 313 -9.10 28.46 -9.82
CA ILE C 313 -9.51 27.54 -8.76
C ILE C 313 -9.35 26.09 -9.23
N LEU C 314 -8.76 25.26 -8.37
CA LEU C 314 -8.69 23.82 -8.55
C LEU C 314 -9.28 23.14 -7.33
N LEU C 315 -9.84 21.95 -7.53
CA LEU C 315 -10.05 21.03 -6.42
C LEU C 315 -9.03 19.90 -6.51
N ARG C 316 -8.45 19.54 -5.36
CA ARG C 316 -7.48 18.46 -5.27
C ARG C 316 -8.06 17.35 -4.41
N TYR C 317 -8.03 16.13 -4.95
CA TYR C 317 -8.44 14.94 -4.20
C TYR C 317 -7.41 14.63 -3.11
N VAL C 318 -7.86 14.53 -1.86
CA VAL C 318 -7.00 14.13 -0.74
C VAL C 318 -7.44 12.77 -0.24
N THR C 319 -6.47 11.97 0.19
CA THR C 319 -6.76 10.64 0.73
C THR C 319 -7.25 10.74 2.17
N SER D 17 38.05 0.88 6.78
CA SER D 17 36.69 1.21 7.22
C SER D 17 35.60 0.42 6.53
N ILE D 18 34.44 0.45 7.17
CA ILE D 18 33.17 -0.12 6.70
C ILE D 18 32.45 0.73 5.66
N PRO D 19 31.75 0.07 4.73
CA PRO D 19 31.07 0.75 3.62
C PRO D 19 30.08 1.81 4.07
N ALA D 20 29.90 2.82 3.24
CA ALA D 20 28.92 3.86 3.49
C ALA D 20 27.57 3.44 2.91
N LEU D 21 26.50 3.80 3.61
CA LEU D 21 25.16 3.55 3.11
C LEU D 21 24.89 4.41 1.87
N ASP D 22 24.25 3.81 0.85
CA ASP D 22 24.01 4.55 -0.40
C ASP D 22 22.99 5.69 -0.25
N TYR D 23 22.18 5.70 0.82
CA TYR D 23 21.13 6.69 1.02
C TYR D 23 21.09 7.05 2.50
N ASN D 24 20.73 8.30 2.79
CA ASN D 24 20.51 8.67 4.17
C ASN D 24 19.05 9.01 4.38
N PRO D 25 18.28 8.19 5.10
CA PRO D 25 16.87 8.51 5.36
C PRO D 25 16.63 9.36 6.60
N TRP D 26 17.65 9.86 7.28
CA TRP D 26 17.46 10.56 8.54
C TRP D 26 17.69 12.06 8.35
N GLU D 27 16.73 12.86 8.75
CA GLU D 27 16.89 14.31 8.67
C GLU D 27 16.97 14.86 10.09
N ALA D 28 17.95 15.71 10.34
CA ALA D 28 18.10 16.28 11.66
C ALA D 28 17.10 17.42 11.86
N ILE D 29 16.48 17.44 13.04
CA ILE D 29 15.54 18.48 13.41
C ILE D 29 16.01 19.15 14.69
N GLN D 30 15.88 20.47 14.78
CA GLN D 30 16.13 21.20 16.02
C GLN D 30 14.78 21.45 16.70
N LEU D 31 14.58 20.84 17.86
CA LEU D 31 13.41 21.16 18.64
C LEU D 31 13.60 22.55 19.24
N PRO D 32 12.47 23.26 19.57
CA PRO D 32 12.60 24.58 20.21
C PRO D 32 12.94 24.49 21.70
N THR D 33 13.98 23.72 22.03
CA THR D 33 14.49 23.53 23.39
C THR D 33 15.92 22.99 23.33
N THR D 34 16.65 23.21 24.41
CA THR D 34 17.94 22.55 24.57
C THR D 34 17.89 21.37 25.54
N ALA D 35 16.69 21.03 26.05
CA ALA D 35 16.55 19.96 27.03
C ALA D 35 16.72 18.59 26.37
N THR D 36 17.30 17.66 27.14
CA THR D 36 17.43 16.28 26.70
C THR D 36 16.06 15.62 26.61
N ILE D 37 15.74 15.00 25.45
CA ILE D 37 14.48 14.30 25.24
C ILE D 37 14.65 12.84 25.66
N LEU D 38 13.68 12.28 26.39
CA LEU D 38 13.85 10.94 26.95
C LEU D 38 12.90 9.91 26.36
N ASP D 39 11.75 10.31 25.84
CA ASP D 39 10.78 9.33 25.32
C ASP D 39 9.79 10.02 24.37
N MET D 40 9.10 9.20 23.60
CA MET D 40 8.18 9.70 22.58
C MET D 40 7.10 8.64 22.37
N SER D 41 5.88 9.06 22.06
CA SER D 41 4.81 8.12 21.75
C SER D 41 3.82 8.78 20.82
N PHE D 42 3.24 7.99 19.93
CA PHE D 42 2.29 8.49 18.95
C PHE D 42 0.89 7.97 19.22
N ILE D 43 -0.07 8.87 19.07
CA ILE D 43 -1.48 8.50 19.09
C ILE D 43 -1.88 7.86 17.76
N ASP D 44 -1.49 8.51 16.66
CA ASP D 44 -1.70 7.99 15.32
C ASP D 44 -0.47 8.40 14.53
N ARG D 45 -0.56 8.33 13.21
CA ARG D 45 0.59 8.59 12.35
C ARG D 45 1.00 10.06 12.37
N HIS D 46 0.08 10.97 12.68
CA HIS D 46 0.37 12.41 12.64
C HIS D 46 0.55 13.02 14.02
N HIS D 47 -0.16 12.49 15.02
CA HIS D 47 -0.30 13.14 16.32
C HIS D 47 0.54 12.39 17.36
N GLY D 48 1.54 13.08 17.91
CA GLY D 48 2.42 12.43 18.85
C GLY D 48 2.94 13.40 19.88
N TRP D 49 3.64 12.84 20.87
CA TRP D 49 4.11 13.54 22.04
C TRP D 49 5.51 13.07 22.38
N LEU D 50 6.32 13.99 22.93
CA LEU D 50 7.62 13.64 23.46
C LEU D 50 7.79 14.32 24.81
N VAL D 51 8.68 13.74 25.64
CA VAL D 51 8.91 14.24 26.99
C VAL D 51 10.40 14.19 27.30
N GLY D 52 10.82 15.01 28.27
CA GLY D 52 12.22 14.95 28.67
C GLY D 52 12.54 15.61 29.99
N VAL D 53 13.82 15.98 30.16
CA VAL D 53 14.24 16.62 31.40
C VAL D 53 13.68 18.04 31.40
N ASN D 54 13.70 18.67 32.57
CA ASN D 54 13.14 20.01 32.78
C ASN D 54 11.66 20.06 32.43
N ALA D 55 10.94 18.98 32.75
CA ALA D 55 9.51 18.93 32.56
C ALA D 55 9.15 19.25 31.11
N THR D 56 9.97 18.76 30.18
CA THR D 56 9.75 18.98 28.76
C THR D 56 8.57 18.15 28.27
N LEU D 57 7.64 18.82 27.61
CA LEU D 57 6.47 18.17 27.05
C LEU D 57 6.17 18.87 25.72
N MET D 58 6.18 18.14 24.61
CA MET D 58 5.95 18.72 23.29
C MET D 58 5.07 17.81 22.46
N GLU D 59 4.33 18.43 21.53
CA GLU D 59 3.33 17.78 20.70
C GLU D 59 3.61 18.03 19.22
N THR D 60 3.40 17.00 18.39
CA THR D 60 3.39 17.19 16.95
C THR D 60 2.02 16.80 16.41
N ARG D 61 1.62 17.49 15.35
CA ARG D 61 0.43 17.18 14.59
C ARG D 61 0.76 16.85 13.14
N ASP D 62 2.04 16.91 12.73
CA ASP D 62 2.42 16.65 11.36
C ASP D 62 3.38 15.46 11.26
N GLY D 63 3.23 14.47 12.13
CA GLY D 63 4.08 13.30 12.05
C GLY D 63 5.49 13.50 12.54
N GLY D 64 5.75 14.56 13.29
CA GLY D 64 7.07 14.78 13.86
C GLY D 64 7.99 15.69 13.08
N GLN D 65 7.49 16.33 12.02
CA GLN D 65 8.29 17.34 11.33
C GLN D 65 8.43 18.60 12.17
N THR D 66 7.35 19.02 12.87
CA THR D 66 7.45 20.19 13.73
C THR D 66 6.84 19.83 15.08
N TRP D 67 7.44 20.38 16.15
CA TRP D 67 7.05 20.09 17.53
C TRP D 67 6.86 21.41 18.28
N GLU D 68 5.87 21.45 19.18
CA GLU D 68 5.53 22.68 19.88
C GLU D 68 5.56 22.46 21.39
N PRO D 69 6.08 23.41 22.15
CA PRO D 69 6.09 23.23 23.62
C PRO D 69 4.68 23.19 24.17
N ARG D 70 4.43 22.23 25.06
CA ARG D 70 3.12 22.07 25.67
C ARG D 70 3.27 22.01 27.19
N THR D 71 4.12 22.88 27.70
CA THR D 71 4.42 22.94 29.13
C THR D 71 3.14 23.02 29.95
N LEU D 72 3.15 22.35 31.10
CA LEU D 72 2.06 22.34 32.06
C LEU D 72 2.46 23.16 33.28
N VAL D 73 1.46 23.71 33.97
CA VAL D 73 1.74 24.45 35.20
C VAL D 73 1.55 23.46 36.35
N LEU D 74 2.66 22.98 36.89
CA LEU D 74 2.67 21.99 37.96
C LEU D 74 3.10 22.68 39.23
N ASP D 75 3.23 21.91 40.31
CA ASP D 75 3.61 22.54 41.57
C ASP D 75 5.06 23.02 41.61
N HIS D 76 5.93 22.46 40.77
CA HIS D 76 7.26 23.02 40.53
C HIS D 76 7.71 22.53 39.17
N SER D 77 8.83 23.06 38.69
CA SER D 77 9.30 22.72 37.34
C SER D 77 10.58 21.88 37.34
N ASP D 78 10.91 21.27 38.48
CA ASP D 78 12.11 20.45 38.65
C ASP D 78 11.89 18.98 38.20
N TYR D 79 10.78 18.65 37.55
CA TYR D 79 10.53 17.26 37.13
C TYR D 79 11.30 16.87 35.87
N ARG D 80 11.78 15.62 35.86
CA ARG D 80 12.30 14.94 34.68
C ARG D 80 11.27 13.89 34.24
N PHE D 81 10.67 14.08 33.07
CA PHE D 81 9.69 13.12 32.53
C PHE D 81 10.45 12.02 31.80
N ASN D 82 10.39 10.81 32.36
CA ASN D 82 11.14 9.63 31.92
C ASN D 82 10.44 8.84 30.82
N SER D 83 9.11 8.88 30.74
CA SER D 83 8.38 7.96 29.89
C SER D 83 7.02 8.55 29.54
N VAL D 84 6.61 8.39 28.27
CA VAL D 84 5.28 8.78 27.82
C VAL D 84 4.71 7.63 26.98
N SER D 85 3.42 7.35 27.14
CA SER D 85 2.83 6.24 26.41
C SER D 85 1.36 6.55 26.12
N PHE D 86 0.98 6.48 24.85
CA PHE D 86 -0.41 6.66 24.44
C PHE D 86 -0.93 5.36 23.83
N GLN D 87 -2.20 5.07 24.10
CA GLN D 87 -2.94 4.03 23.41
C GLN D 87 -4.20 4.73 22.89
N GLY D 88 -4.22 5.03 21.60
CA GLY D 88 -5.29 5.93 21.17
C GLY D 88 -5.15 7.28 21.89
N ASN D 89 -6.29 7.86 22.29
CA ASN D 89 -6.27 9.16 22.94
C ASN D 89 -5.93 9.11 24.41
N GLU D 90 -5.73 7.93 24.98
CA GLU D 90 -5.37 7.85 26.40
C GLU D 90 -3.85 7.87 26.55
N GLY D 91 -3.35 8.80 27.37
CA GLY D 91 -1.91 8.97 27.52
C GLY D 91 -1.49 9.04 28.96
N TRP D 92 -0.22 8.68 29.18
CA TRP D 92 0.36 8.65 30.52
C TRP D 92 1.79 9.19 30.42
N ILE D 93 2.20 9.92 31.45
CA ILE D 93 3.59 10.37 31.63
C ILE D 93 3.98 10.05 33.06
N VAL D 94 5.20 9.55 33.25
CA VAL D 94 5.75 9.45 34.60
C VAL D 94 7.14 10.09 34.64
N GLY D 95 7.54 10.50 35.84
CA GLY D 95 8.79 11.20 35.99
C GLY D 95 9.30 11.15 37.42
N GLU D 96 10.41 11.83 37.62
CA GLU D 96 11.05 11.92 38.91
C GLU D 96 11.40 13.37 39.20
N PRO D 97 11.24 13.84 40.45
CA PRO D 97 10.68 13.14 41.63
C PRO D 97 9.26 12.64 41.32
N PRO D 98 8.75 11.64 42.08
CA PRO D 98 7.59 10.89 41.59
C PRO D 98 6.46 11.75 41.06
N ILE D 99 6.10 11.57 39.79
CA ILE D 99 4.93 12.23 39.21
C ILE D 99 4.28 11.30 38.19
N MET D 100 2.95 11.36 38.12
CA MET D 100 2.20 10.66 37.07
C MET D 100 1.12 11.59 36.54
N LEU D 101 1.08 11.75 35.21
CA LEU D 101 0.07 12.53 34.51
C LEU D 101 -0.70 11.61 33.57
N HIS D 102 -1.97 11.96 33.34
CA HIS D 102 -2.89 11.11 32.59
C HIS D 102 -3.80 11.97 31.73
N THR D 103 -4.05 11.53 30.50
CA THR D 103 -4.97 12.25 29.62
C THR D 103 -5.90 11.25 28.94
N THR D 104 -7.11 11.69 28.65
CA THR D 104 -8.02 10.88 27.86
C THR D 104 -8.48 11.60 26.60
N ASP D 105 -7.95 12.79 26.32
CA ASP D 105 -8.39 13.58 25.18
C ASP D 105 -7.21 13.93 24.27
N GLY D 106 -6.25 13.02 24.16
CA GLY D 106 -5.13 13.24 23.28
C GLY D 106 -4.11 14.23 23.77
N GLY D 107 -4.10 14.52 25.07
CA GLY D 107 -3.17 15.51 25.60
C GLY D 107 -3.67 16.95 25.57
N GLN D 108 -4.91 17.18 25.14
CA GLN D 108 -5.51 18.51 25.24
C GLN D 108 -5.66 18.97 26.69
N SER D 109 -5.78 18.03 27.63
CA SER D 109 -5.82 18.36 29.06
C SER D 109 -5.31 17.16 29.84
N TRP D 110 -4.64 17.43 30.96
CA TRP D 110 -3.99 16.40 31.76
C TRP D 110 -4.47 16.45 33.21
N SER D 111 -4.42 15.30 33.87
CA SER D 111 -4.65 15.18 35.31
C SER D 111 -3.42 14.62 35.98
N GLN D 112 -3.13 15.08 37.20
CA GLN D 112 -2.08 14.48 38.00
C GLN D 112 -2.67 13.41 38.91
N ILE D 113 -2.02 12.23 38.92
CA ILE D 113 -2.42 11.10 39.74
C ILE D 113 -1.48 11.02 40.96
N PRO D 114 -1.97 11.23 42.17
CA PRO D 114 -1.09 11.15 43.35
C PRO D 114 -0.50 9.76 43.52
N LEU D 115 0.80 9.71 43.78
CA LEU D 115 1.50 8.45 44.00
C LEU D 115 1.78 8.27 45.49
N ASP D 116 1.58 7.07 45.97
CA ASP D 116 1.87 6.76 47.36
C ASP D 116 3.31 7.15 47.69
N PRO D 117 3.54 7.90 48.77
CA PRO D 117 4.92 8.32 49.10
C PRO D 117 5.85 7.15 49.42
N LYS D 118 5.34 5.97 49.78
CA LYS D 118 6.16 4.81 50.05
C LYS D 118 6.42 3.97 48.80
N LEU D 119 6.11 4.49 47.62
CA LEU D 119 6.54 3.87 46.38
C LEU D 119 8.04 3.56 46.45
N PRO D 120 8.46 2.32 46.13
CA PRO D 120 9.90 2.02 46.12
C PRO D 120 10.53 2.59 44.86
N GLY D 121 11.42 3.57 45.05
CA GLY D 121 12.09 4.25 43.95
C GLY D 121 11.18 5.28 43.31
N SER D 122 11.60 5.74 42.14
CA SER D 122 10.84 6.72 41.37
C SER D 122 10.36 6.09 40.07
N PRO D 123 9.26 6.56 39.50
CA PRO D 123 8.74 5.96 38.26
C PRO D 123 9.73 6.06 37.10
N ARG D 124 9.95 4.95 36.41
CA ARG D 124 10.84 4.96 35.26
C ARG D 124 10.16 4.72 33.92
N LEU D 125 9.09 3.93 33.89
CA LEU D 125 8.45 3.57 32.63
C LEU D 125 6.96 3.42 32.87
N ILE D 126 6.14 3.92 31.95
CA ILE D 126 4.72 3.64 31.97
C ILE D 126 4.34 3.13 30.59
N LYS D 127 3.47 2.12 30.57
CA LYS D 127 2.96 1.54 29.34
C LYS D 127 1.44 1.63 29.36
N ALA D 128 0.88 2.35 28.37
CA ALA D 128 -0.56 2.47 28.20
C ALA D 128 -1.12 1.20 27.57
N LEU D 129 -2.09 0.55 28.23
CA LEU D 129 -2.72 -0.65 27.68
C LEU D 129 -4.10 -0.37 27.11
N GLY D 130 -4.59 0.87 27.24
CA GLY D 130 -5.88 1.25 26.72
C GLY D 130 -7.01 1.02 27.70
N ASN D 131 -8.12 1.72 27.44
CA ASN D 131 -9.37 1.54 28.20
C ASN D 131 -9.14 1.60 29.70
N GLY D 132 -8.30 2.54 30.15
CA GLY D 132 -8.11 2.71 31.58
C GLY D 132 -7.04 1.84 32.23
N SER D 133 -6.34 0.99 31.46
CA SER D 133 -5.28 0.15 32.01
C SER D 133 -3.89 0.67 31.62
N ALA D 134 -2.95 0.46 32.53
CA ALA D 134 -1.57 0.89 32.35
C ALA D 134 -0.73 0.09 33.32
N GLU D 135 0.56 -0.09 33.00
CA GLU D 135 1.50 -0.66 33.94
C GLU D 135 2.70 0.27 34.10
N MET D 136 3.26 0.31 35.31
CA MET D 136 4.35 1.22 35.62
C MET D 136 5.49 0.46 36.32
N ILE D 137 6.73 0.84 36.01
CA ILE D 137 7.91 0.25 36.63
C ILE D 137 8.73 1.37 37.24
N THR D 138 9.23 1.14 38.45
CA THR D 138 10.06 2.14 39.09
C THR D 138 11.53 1.85 38.78
N ASN D 139 12.39 2.78 39.16
CA ASN D 139 13.81 2.61 38.83
C ASN D 139 14.46 1.46 39.58
N VAL D 140 13.85 0.97 40.68
CA VAL D 140 14.36 -0.22 41.37
C VAL D 140 13.55 -1.46 41.02
N GLY D 141 12.70 -1.40 40.02
CA GLY D 141 12.06 -2.59 39.52
C GLY D 141 10.74 -2.94 40.18
N ALA D 142 10.17 -2.05 40.98
CA ALA D 142 8.80 -2.31 41.43
C ALA D 142 7.89 -2.14 40.23
N ILE D 143 6.87 -3.00 40.13
CA ILE D 143 5.95 -3.04 39.01
C ILE D 143 4.52 -2.95 39.54
N TYR D 144 3.73 -2.02 39.01
CA TYR D 144 2.37 -1.79 39.44
C TYR D 144 1.48 -1.74 38.22
N ARG D 145 0.19 -2.02 38.41
CA ARG D 145 -0.76 -2.07 37.32
C ARG D 145 -2.06 -1.41 37.76
N THR D 146 -2.69 -0.65 36.88
CA THR D 146 -4.02 -0.14 37.15
C THR D 146 -4.97 -0.63 36.07
N LYS D 147 -6.22 -0.85 36.48
CA LYS D 147 -7.31 -1.15 35.56
C LYS D 147 -8.42 -0.12 35.63
N ASP D 148 -8.30 0.91 36.46
CA ASP D 148 -9.38 1.90 36.64
C ASP D 148 -8.85 3.33 36.52
N SER D 149 -8.09 3.59 35.45
CA SER D 149 -7.59 4.93 35.11
C SER D 149 -6.73 5.52 36.21
N GLY D 150 -6.03 4.67 36.97
CA GLY D 150 -5.10 5.16 37.96
C GLY D 150 -5.66 5.40 39.34
N LYS D 151 -6.92 5.06 39.59
CA LYS D 151 -7.43 5.25 40.95
C LYS D 151 -6.91 4.17 41.91
N ASN D 152 -6.70 2.95 41.43
CA ASN D 152 -6.12 1.89 42.25
C ASN D 152 -5.00 1.18 41.50
N TRP D 153 -3.98 0.81 42.25
CA TRP D 153 -2.84 0.09 41.69
C TRP D 153 -2.61 -1.20 42.44
N GLN D 154 -2.16 -2.20 41.69
CA GLN D 154 -1.81 -3.50 42.24
C GLN D 154 -0.33 -3.71 42.03
N ALA D 155 0.35 -4.15 43.09
CA ALA D 155 1.76 -4.49 43.01
C ALA D 155 1.91 -5.85 42.34
N LEU D 156 2.76 -5.94 41.30
CA LEU D 156 2.97 -7.22 40.65
C LEU D 156 4.24 -7.94 41.09
N VAL D 157 5.22 -7.21 41.64
CA VAL D 157 6.44 -7.85 42.18
C VAL D 157 6.76 -7.17 43.50
N GLN D 158 7.10 -7.97 44.53
CA GLN D 158 7.14 -7.41 45.87
C GLN D 158 8.53 -7.44 46.46
N GLU D 159 9.55 -7.27 45.63
CA GLU D 159 10.80 -6.78 46.18
C GLU D 159 11.70 -6.47 44.99
N ALA D 160 12.36 -5.30 45.06
CA ALA D 160 13.23 -4.57 44.10
C ALA D 160 14.49 -5.32 43.66
N ILE D 161 15.12 -4.79 42.60
CA ILE D 161 16.33 -5.38 42.00
C ILE D 161 17.49 -4.39 41.93
N GLY D 162 17.32 -3.19 42.45
CA GLY D 162 18.34 -2.17 42.37
C GLY D 162 18.16 -1.31 41.15
N VAL D 163 19.01 -0.31 41.05
CA VAL D 163 18.84 0.69 40.00
C VAL D 163 19.27 0.07 38.67
N MET D 164 18.55 0.42 37.61
CA MET D 164 18.75 -0.18 36.29
C MET D 164 19.43 0.81 35.37
N ARG D 165 20.45 0.35 34.67
CA ARG D 165 21.11 1.16 33.65
C ARG D 165 20.19 1.37 32.45
N ASN D 166 19.35 0.39 32.14
CA ASN D 166 18.49 0.49 30.97
C ASN D 166 17.34 -0.49 31.16
N LEU D 167 16.23 -0.20 30.51
CA LEU D 167 15.02 -1.03 30.61
C LEU D 167 14.33 -1.05 29.25
N ASN D 168 13.93 -2.24 28.79
CA ASN D 168 13.22 -2.35 27.51
C ASN D 168 12.12 -3.40 27.63
N ARG D 169 11.05 -3.22 26.85
CA ARG D 169 9.83 -4.01 26.88
C ARG D 169 9.66 -4.78 25.57
N SER D 170 9.19 -6.02 25.65
CA SER D 170 8.92 -6.81 24.45
C SER D 170 7.48 -6.60 23.97
N PRO D 171 7.17 -7.03 22.74
CA PRO D 171 5.76 -6.96 22.30
C PRO D 171 4.81 -7.73 23.17
N SER D 172 5.23 -8.82 23.79
CA SER D 172 4.32 -9.56 24.66
C SER D 172 4.39 -9.11 26.10
N GLY D 173 5.05 -7.99 26.37
CA GLY D 173 5.06 -7.39 27.68
C GLY D 173 6.12 -7.93 28.62
N GLU D 174 7.10 -8.65 28.11
CA GLU D 174 8.22 -9.00 28.98
C GLU D 174 9.14 -7.78 29.09
N TYR D 175 9.94 -7.71 30.16
CA TYR D 175 10.90 -6.61 30.31
C TYR D 175 12.29 -7.17 30.53
N VAL D 176 13.29 -6.41 30.08
CA VAL D 176 14.67 -6.73 30.37
C VAL D 176 15.33 -5.48 30.92
N ALA D 177 16.11 -5.66 31.99
CA ALA D 177 16.73 -4.53 32.66
C ALA D 177 18.20 -4.83 32.88
N VAL D 178 19.06 -3.88 32.51
CA VAL D 178 20.49 -4.00 32.72
C VAL D 178 20.78 -3.47 34.11
N SER D 179 21.59 -4.20 34.86
CA SER D 179 21.95 -3.72 36.19
C SER D 179 22.79 -2.43 36.10
N SER D 180 22.94 -1.80 37.25
CA SER D 180 23.49 -0.44 37.32
C SER D 180 24.83 -0.29 36.59
N ARG D 181 25.77 -1.21 36.83
CA ARG D 181 27.06 -1.11 36.19
C ARG D 181 27.26 -2.19 35.14
N GLY D 182 26.16 -2.78 34.66
CA GLY D 182 26.25 -3.69 33.55
C GLY D 182 26.84 -5.05 33.88
N SER D 183 26.91 -5.46 35.14
CA SER D 183 27.47 -6.77 35.39
C SER D 183 26.47 -7.89 35.13
N PHE D 184 25.16 -7.62 35.13
CA PHE D 184 24.17 -8.66 34.85
C PHE D 184 22.87 -8.01 34.35
N TYR D 185 21.90 -8.84 33.98
CA TYR D 185 20.60 -8.32 33.56
C TYR D 185 19.52 -9.18 34.20
N SER D 186 18.30 -8.64 34.22
CA SER D 186 17.16 -9.32 34.78
C SER D 186 15.97 -9.22 33.83
N THR D 187 15.12 -10.24 33.86
CA THR D 187 13.92 -10.28 33.05
C THR D 187 12.71 -10.56 33.94
N TRP D 188 11.56 -10.12 33.44
CA TRP D 188 10.28 -10.33 34.09
C TRP D 188 9.22 -10.38 32.99
N GLU D 189 8.21 -11.22 33.20
CA GLU D 189 7.07 -11.26 32.30
C GLU D 189 5.80 -11.46 33.10
N PRO D 190 4.65 -11.06 32.56
CA PRO D 190 3.41 -11.11 33.34
C PRO D 190 3.20 -12.48 33.94
N GLY D 191 2.76 -12.49 35.18
CA GLY D 191 2.54 -13.72 35.91
C GLY D 191 3.72 -14.12 36.76
N GLN D 192 4.88 -13.49 36.61
CA GLN D 192 6.02 -13.80 37.46
C GLN D 192 5.97 -12.97 38.73
N THR D 193 6.32 -13.61 39.83
CA THR D 193 6.31 -12.98 41.14
C THR D 193 7.60 -12.19 41.44
N ALA D 194 8.67 -12.43 40.69
CA ALA D 194 9.95 -11.77 40.92
C ALA D 194 10.70 -11.61 39.58
N TRP D 195 11.58 -10.61 39.52
CA TRP D 195 12.55 -10.60 38.42
C TRP D 195 13.47 -11.83 38.47
N GLU D 196 13.89 -12.33 37.31
CA GLU D 196 14.88 -13.40 37.30
C GLU D 196 16.21 -12.85 36.83
N PRO D 197 17.24 -12.93 37.66
CA PRO D 197 18.57 -12.45 37.25
C PRO D 197 19.25 -13.43 36.31
N HIS D 198 20.06 -12.87 35.41
CA HIS D 198 20.80 -13.65 34.43
C HIS D 198 22.26 -13.25 34.42
N ASN D 199 23.13 -14.24 34.26
CA ASN D 199 24.55 -14.00 34.10
C ASN D 199 24.78 -13.36 32.73
N ARG D 200 25.58 -12.31 32.67
CA ARG D 200 25.99 -11.92 31.33
C ARG D 200 26.95 -13.00 30.86
N THR D 201 26.99 -13.24 29.56
CA THR D 201 27.84 -14.32 29.09
C THR D 201 29.14 -13.80 28.53
N THR D 202 29.27 -12.48 28.45
CA THR D 202 30.47 -11.84 27.97
C THR D 202 31.29 -11.32 29.15
N SER D 203 32.60 -11.29 28.98
CA SER D 203 33.41 -10.56 29.96
C SER D 203 33.09 -9.07 29.96
N ARG D 204 32.66 -8.51 28.82
CA ARG D 204 32.38 -7.08 28.69
C ARG D 204 31.10 -6.67 29.40
N ARG D 205 31.12 -5.45 29.94
CA ARG D 205 29.99 -4.90 30.67
C ARG D 205 28.84 -4.54 29.74
N LEU D 206 27.63 -4.79 30.22
CA LEU D 206 26.42 -4.54 29.45
C LEU D 206 26.11 -3.05 29.43
N HIS D 207 25.82 -2.52 28.25
CA HIS D 207 25.35 -1.14 28.19
C HIS D 207 23.86 -1.04 27.92
N ASN D 208 23.31 -1.86 27.04
CA ASN D 208 21.88 -1.79 26.74
C ASN D 208 21.44 -3.14 26.23
N MET D 209 20.17 -3.47 26.44
CA MET D 209 19.60 -4.74 25.98
C MET D 209 18.14 -4.52 25.60
N GLY D 210 17.64 -5.30 24.63
CA GLY D 210 16.25 -5.27 24.22
C GLY D 210 15.91 -6.53 23.45
N PHE D 211 14.75 -6.50 22.81
CA PHE D 211 14.17 -7.64 22.11
C PHE D 211 14.20 -7.45 20.60
N THR D 212 14.41 -8.53 19.86
CA THR D 212 14.33 -8.55 18.42
C THR D 212 12.89 -8.80 18.01
N PRO D 213 12.53 -8.63 16.72
CA PRO D 213 11.17 -8.98 16.29
C PRO D 213 10.94 -10.48 16.10
N ASP D 214 11.85 -11.35 16.59
CA ASP D 214 11.71 -12.77 16.37
C ASP D 214 11.98 -13.60 17.62
N GLY D 215 11.86 -13.04 18.80
CA GLY D 215 11.93 -13.86 20.00
C GLY D 215 13.32 -14.00 20.58
N ARG D 216 14.25 -13.16 20.18
CA ARG D 216 15.59 -13.16 20.73
C ARG D 216 15.78 -11.88 21.53
N LEU D 217 16.85 -11.88 22.32
CA LEU D 217 17.32 -10.66 22.96
C LEU D 217 18.56 -10.18 22.22
N TRP D 218 18.79 -8.89 22.25
CA TRP D 218 20.07 -8.33 21.82
C TRP D 218 20.76 -7.61 22.97
N MET D 219 22.08 -7.44 22.85
CA MET D 219 22.85 -6.66 23.82
C MET D 219 23.95 -5.85 23.14
N ILE D 220 24.16 -4.65 23.67
CA ILE D 220 25.29 -3.79 23.37
C ILE D 220 26.19 -3.81 24.60
N VAL D 221 27.48 -4.08 24.41
CA VAL D 221 28.44 -4.14 25.50
C VAL D 221 29.58 -3.14 25.27
N ASN D 222 30.32 -2.86 26.34
CA ASN D 222 31.42 -1.90 26.29
C ASN D 222 32.42 -2.28 25.21
N GLY D 223 32.94 -1.26 24.51
CA GLY D 223 33.94 -1.45 23.48
C GLY D 223 33.38 -1.62 22.10
N GLY D 224 32.13 -1.23 21.88
CA GLY D 224 31.55 -1.25 20.55
C GLY D 224 31.17 -2.60 19.98
N LYS D 225 30.71 -3.53 20.81
CA LYS D 225 30.33 -4.86 20.36
C LYS D 225 28.89 -5.19 20.71
N ILE D 226 28.30 -6.09 19.93
CA ILE D 226 26.92 -6.51 20.14
C ILE D 226 26.83 -8.03 20.05
N ALA D 227 25.69 -8.56 20.51
CA ALA D 227 25.44 -9.99 20.42
C ALA D 227 23.94 -10.22 20.47
N PHE D 228 23.53 -11.38 19.99
CA PHE D 228 22.14 -11.79 19.94
C PHE D 228 22.00 -13.16 20.60
N SER D 229 20.89 -13.37 21.31
CA SER D 229 20.70 -14.62 22.02
C SER D 229 20.26 -15.72 21.05
N ASP D 230 20.36 -16.96 21.53
CA ASP D 230 19.88 -18.15 20.80
C ASP D 230 18.36 -18.16 20.85
N PRO D 231 17.66 -18.19 19.72
CA PRO D 231 16.18 -18.17 19.78
C PRO D 231 15.59 -19.38 20.48
N ASP D 232 16.26 -20.52 20.41
CA ASP D 232 15.81 -21.75 21.05
C ASP D 232 16.21 -21.83 22.53
N ASN D 233 17.18 -21.03 22.97
CA ASN D 233 17.62 -21.02 24.38
C ASN D 233 17.99 -19.59 24.77
N SER D 234 17.12 -18.96 25.55
CA SER D 234 17.24 -17.53 25.83
C SER D 234 18.41 -17.17 26.72
N GLU D 235 19.13 -18.14 27.26
CA GLU D 235 20.28 -17.83 28.10
C GLU D 235 21.60 -18.16 27.42
N ASN D 236 21.56 -18.67 26.20
CA ASN D 236 22.73 -18.88 25.37
C ASN D 236 22.87 -17.73 24.38
N TRP D 237 24.09 -17.25 24.21
CA TRP D 237 24.39 -16.07 23.43
C TRP D 237 25.35 -16.44 22.30
N GLY D 238 25.14 -15.83 21.14
CA GLY D 238 26.07 -15.97 20.05
C GLY D 238 27.37 -15.22 20.35
N GLU D 239 28.26 -15.22 19.36
CA GLU D 239 29.56 -14.60 19.57
C GLU D 239 29.44 -13.09 19.43
N LEU D 240 30.32 -12.37 20.12
CA LEU D 240 30.30 -10.92 19.98
C LEU D 240 30.63 -10.54 18.54
N LEU D 241 29.83 -9.61 17.99
CA LEU D 241 30.07 -9.02 16.69
C LEU D 241 30.61 -7.62 16.87
N SER D 242 31.35 -7.16 15.86
CA SER D 242 32.03 -5.88 15.90
C SER D 242 31.58 -5.05 14.71
N PRO D 243 30.48 -4.31 14.84
CA PRO D 243 29.93 -3.62 13.66
C PRO D 243 30.90 -2.66 12.98
N LEU D 244 31.69 -1.90 13.72
CA LEU D 244 32.64 -0.96 13.14
C LEU D 244 34.06 -1.49 13.09
N ARG D 245 34.27 -2.73 13.52
CA ARG D 245 35.59 -3.37 13.53
C ARG D 245 36.60 -2.63 14.40
N ARG D 246 36.15 -1.68 15.22
CA ARG D 246 37.00 -0.91 16.12
C ARG D 246 36.28 -0.77 17.46
N ASN D 247 37.04 -0.82 18.56
CA ASN D 247 36.49 -0.69 19.90
C ASN D 247 36.41 0.76 20.37
N SER D 248 36.74 1.71 19.50
CA SER D 248 36.77 3.12 19.89
C SER D 248 35.36 3.66 20.13
N VAL D 249 34.44 3.32 19.24
CA VAL D 249 33.10 3.89 19.27
C VAL D 249 32.23 3.05 20.20
N GLY D 250 31.48 3.72 21.07
CA GLY D 250 30.48 3.07 21.91
C GLY D 250 29.09 3.20 21.31
N PHE D 251 28.34 2.10 21.36
CA PHE D 251 26.96 2.12 20.91
C PHE D 251 26.02 2.26 22.10
N LEU D 252 24.82 2.79 21.81
CA LEU D 252 23.88 3.22 22.84
C LEU D 252 22.52 2.57 22.67
N ASP D 253 22.09 2.35 21.43
CA ASP D 253 20.78 1.72 21.24
C ASP D 253 20.77 1.00 19.91
N LEU D 254 19.84 0.04 19.79
CA LEU D 254 19.64 -0.78 18.61
C LEU D 254 18.15 -0.97 18.38
N ALA D 255 17.68 -0.84 17.13
CA ALA D 255 16.27 -1.03 16.84
C ALA D 255 16.05 -1.45 15.39
N TYR D 256 15.05 -2.32 15.21
CA TYR D 256 14.65 -2.83 13.91
C TYR D 256 13.58 -1.94 13.29
N ARG D 257 13.73 -1.65 12.01
CA ARG D 257 12.67 -1.03 11.22
C ARG D 257 11.81 -2.10 10.51
N THR D 258 12.43 -3.23 10.06
CA THR D 258 11.77 -4.35 9.39
C THR D 258 12.33 -5.65 9.99
N PRO D 259 11.86 -6.85 9.61
CA PRO D 259 12.50 -8.05 10.17
C PRO D 259 14.01 -8.10 9.92
N ASN D 260 14.49 -7.50 8.82
CA ASN D 260 15.89 -7.63 8.43
C ASN D 260 16.71 -6.35 8.57
N GLU D 261 16.08 -5.17 8.65
CA GLU D 261 16.82 -3.92 8.66
C GLU D 261 16.95 -3.42 10.10
N VAL D 262 18.19 -3.27 10.55
CA VAL D 262 18.55 -2.93 11.93
C VAL D 262 19.35 -1.65 11.94
N TRP D 263 19.05 -0.77 12.88
CA TRP D 263 19.81 0.46 13.07
C TRP D 263 20.49 0.41 14.44
N LEU D 264 21.68 0.95 14.48
CA LEU D 264 22.54 0.92 15.67
C LEU D 264 23.06 2.34 15.85
N ALA D 265 22.71 2.96 16.97
CA ALA D 265 23.05 4.36 17.25
C ALA D 265 24.06 4.45 18.39
N GLY D 266 25.01 5.39 18.29
CA GLY D 266 26.00 5.54 19.32
C GLY D 266 26.51 6.96 19.45
N GLY D 267 27.65 7.09 20.12
CA GLY D 267 28.18 8.41 20.42
C GLY D 267 28.81 9.07 19.22
N ALA D 268 28.88 10.39 19.28
CA ALA D 268 29.64 11.21 18.32
C ALA D 268 29.19 10.95 16.88
N GLY D 269 27.88 11.03 16.67
CA GLY D 269 27.33 10.90 15.33
C GLY D 269 27.37 9.50 14.74
N ALA D 270 27.69 8.47 15.52
CA ALA D 270 27.74 7.12 15.00
C ALA D 270 26.34 6.59 14.74
N LEU D 271 26.06 6.17 13.51
CA LEU D 271 24.80 5.50 13.24
C LEU D 271 24.99 4.52 12.10
N LEU D 272 24.76 3.23 12.36
CA LEU D 272 25.01 2.21 11.35
C LEU D 272 23.70 1.51 11.01
N CYS D 273 23.67 0.90 9.83
CA CYS D 273 22.50 0.17 9.37
C CYS D 273 22.93 -1.18 8.86
N SER D 274 22.16 -2.21 9.21
CA SER D 274 22.37 -3.56 8.71
C SER D 274 21.12 -4.01 8.00
N GLN D 275 21.27 -4.59 6.82
CA GLN D 275 20.15 -5.07 6.03
C GLN D 275 20.05 -6.59 6.00
N ASP D 276 20.84 -7.28 6.81
CA ASP D 276 20.74 -8.73 6.91
C ASP D 276 20.54 -9.15 8.35
N GLY D 277 19.84 -8.35 9.14
CA GLY D 277 19.57 -8.76 10.50
C GLY D 277 20.71 -8.60 11.48
N GLY D 278 21.71 -7.78 11.18
CA GLY D 278 22.76 -7.51 12.15
C GLY D 278 24.03 -8.26 11.90
N GLN D 279 24.10 -8.96 10.77
CA GLN D 279 25.23 -9.75 10.34
C GLN D 279 26.33 -8.82 9.82
N THR D 280 26.00 -7.98 8.81
CA THR D 280 26.88 -7.01 8.16
C THR D 280 26.30 -5.60 8.32
N TRP D 281 27.18 -4.59 8.38
CA TRP D 281 26.78 -3.23 8.69
C TRP D 281 27.39 -2.24 7.71
N GLN D 282 26.65 -1.16 7.42
CA GLN D 282 27.17 0.00 6.70
C GLN D 282 26.91 1.25 7.51
N GLN D 283 27.77 2.26 7.36
CA GLN D 283 27.69 3.48 8.17
C GLN D 283 26.96 4.57 7.39
N ASP D 284 26.03 5.24 8.08
CA ASP D 284 25.39 6.45 7.56
C ASP D 284 26.33 7.62 7.86
N VAL D 285 27.14 8.00 6.87
CA VAL D 285 28.18 9.00 7.11
C VAL D 285 27.59 10.40 7.20
N ASP D 286 26.40 10.62 6.62
CA ASP D 286 25.84 11.97 6.62
C ASP D 286 25.57 12.47 8.03
N VAL D 287 25.19 11.57 8.95
CA VAL D 287 24.86 12.02 10.29
C VAL D 287 26.09 12.20 11.16
N LYS D 288 27.27 11.76 10.71
CA LYS D 288 28.50 12.06 11.45
C LYS D 288 28.65 13.55 11.71
N LYS D 289 28.11 14.39 10.83
CA LYS D 289 28.22 15.84 10.99
C LYS D 289 27.45 16.30 12.21
N VAL D 290 26.32 15.66 12.51
CA VAL D 290 25.40 16.13 13.55
C VAL D 290 26.12 16.07 14.89
N PRO D 291 26.26 17.20 15.59
CA PRO D 291 27.06 17.18 16.84
C PRO D 291 26.27 16.65 18.03
N SER D 292 26.04 15.34 18.06
CA SER D 292 25.19 14.77 19.09
C SER D 292 25.51 13.29 19.21
N ASN D 293 25.45 12.79 20.44
CA ASN D 293 25.26 11.36 20.68
C ASN D 293 23.83 10.99 20.30
N PHE D 294 23.67 9.77 19.82
CA PHE D 294 22.36 9.25 19.42
C PHE D 294 22.00 8.15 20.42
N TYR D 295 21.13 8.51 21.37
CA TYR D 295 20.89 7.74 22.59
C TYR D 295 19.79 6.69 22.45
N LYS D 296 18.81 6.92 21.58
CA LYS D 296 17.61 6.09 21.57
C LYS D 296 16.98 6.14 20.18
N ILE D 297 16.62 4.98 19.67
CA ILE D 297 15.96 4.84 18.38
C ILE D 297 14.53 4.36 18.62
N LEU D 298 13.56 5.05 18.03
CA LEU D 298 12.16 4.64 18.15
C LEU D 298 11.54 4.56 16.76
N PHE D 299 11.11 3.36 16.38
CA PHE D 299 10.34 3.16 15.16
C PHE D 299 8.88 2.91 15.51
N PHE D 300 7.98 3.69 14.93
CA PHE D 300 6.56 3.50 15.17
C PHE D 300 5.88 2.76 14.04
N SER D 301 6.53 2.69 12.90
CA SER D 301 6.09 1.93 11.75
C SER D 301 7.30 1.78 10.83
N PRO D 302 7.19 1.00 9.76
CA PRO D 302 8.32 0.93 8.81
C PRO D 302 8.63 2.28 8.18
N ASP D 303 7.69 3.22 8.25
CA ASP D 303 7.77 4.53 7.60
C ASP D 303 8.11 5.66 8.57
N GLN D 304 8.08 5.42 9.88
CA GLN D 304 8.04 6.50 10.87
C GLN D 304 8.94 6.14 12.04
N GLY D 305 9.96 6.97 12.28
CA GLY D 305 10.95 6.66 13.29
C GLY D 305 11.70 7.89 13.71
N PHE D 306 12.24 7.85 14.93
CA PHE D 306 12.99 8.99 15.45
C PHE D 306 14.21 8.53 16.23
N ILE D 307 15.25 9.36 16.24
CA ILE D 307 16.42 9.13 17.08
C ILE D 307 16.61 10.33 18.00
N LEU D 308 16.74 10.07 19.30
CA LEU D 308 16.82 11.11 20.31
C LEU D 308 18.29 11.45 20.55
N GLY D 309 18.65 12.73 20.34
CA GLY D 309 19.97 13.23 20.57
C GLY D 309 20.03 14.17 21.76
N GLN D 310 21.04 15.02 21.76
CA GLN D 310 21.23 16.01 22.81
C GLN D 310 20.87 17.39 22.33
N LYS D 311 20.66 18.29 23.29
CA LYS D 311 20.53 19.71 23.00
C LYS D 311 19.33 19.99 22.10
N GLY D 312 18.29 19.18 22.25
CA GLY D 312 17.08 19.33 21.47
C GLY D 312 17.16 18.78 20.07
N ILE D 313 18.15 17.95 19.75
CA ILE D 313 18.32 17.45 18.40
C ILE D 313 17.59 16.12 18.27
N LEU D 314 16.78 15.98 17.23
CA LEU D 314 16.18 14.71 16.86
C LEU D 314 16.58 14.39 15.44
N LEU D 315 16.70 13.10 15.12
CA LEU D 315 16.68 12.67 13.74
C LEU D 315 15.30 12.08 13.44
N ARG D 316 14.76 12.40 12.26
CA ARG D 316 13.47 11.89 11.82
C ARG D 316 13.65 11.01 10.59
N TYR D 317 13.08 9.80 10.62
CA TYR D 317 13.12 8.95 9.45
C TYR D 317 12.21 9.51 8.34
N VAL D 318 12.77 9.67 7.14
CA VAL D 318 12.03 10.14 5.98
C VAL D 318 12.10 9.12 4.86
N THR D 319 10.96 8.87 4.21
CA THR D 319 10.94 7.99 3.06
C THR D 319 11.22 8.79 1.79
N ASN E 1 5.45 -20.59 -43.37
CA ASN E 1 4.06 -21.01 -43.17
C ASN E 1 3.11 -19.82 -42.93
N ALA E 2 2.21 -19.57 -43.89
CA ALA E 2 1.23 -18.49 -43.77
C ALA E 2 0.10 -18.86 -42.81
N HIS E 3 -0.31 -17.89 -41.99
CA HIS E 3 -1.32 -18.13 -40.98
C HIS E 3 -2.38 -17.05 -41.02
N ASN E 4 -3.65 -17.45 -40.90
CA ASN E 4 -4.79 -16.56 -40.84
C ASN E 4 -5.45 -16.71 -39.46
N PHE E 5 -5.58 -15.61 -38.73
CA PHE E 5 -5.87 -15.62 -37.30
C PHE E 5 -7.35 -15.40 -37.01
N PRO E 6 -7.88 -16.07 -35.99
CA PRO E 6 -9.25 -15.75 -35.53
C PRO E 6 -9.41 -14.27 -35.24
N LEU E 7 -10.53 -13.72 -35.69
CA LEU E 7 -10.74 -12.29 -35.56
C LEU E 7 -11.16 -11.89 -34.16
N ASP E 8 -11.82 -12.80 -33.42
CA ASP E 8 -12.28 -12.51 -32.07
C ASP E 8 -11.92 -13.68 -31.15
N LEU E 9 -11.53 -13.37 -29.92
CA LEU E 9 -11.36 -14.37 -28.88
C LEU E 9 -12.22 -14.01 -27.67
N ALA E 10 -12.59 -15.02 -26.90
CA ALA E 10 -13.34 -14.80 -25.66
C ALA E 10 -12.71 -15.63 -24.56
N SER E 11 -12.66 -15.08 -23.36
CA SER E 11 -12.12 -15.80 -22.21
C SER E 11 -13.25 -16.20 -21.29
N ALA E 12 -13.20 -17.45 -20.83
CA ALA E 12 -14.05 -17.89 -19.73
C ALA E 12 -13.77 -17.04 -18.49
N GLU E 13 -14.61 -17.20 -17.48
CA GLU E 13 -14.41 -16.42 -16.27
C GLU E 13 -13.06 -16.78 -15.65
N SER E 14 -12.44 -15.80 -15.02
CA SER E 14 -11.11 -15.97 -14.46
C SER E 14 -11.16 -16.71 -13.14
N ALA E 15 -10.06 -17.38 -12.79
CA ALA E 15 -10.01 -18.03 -11.50
C ALA E 15 -8.91 -17.43 -10.64
N PRO E 16 -9.15 -17.20 -9.35
CA PRO E 16 -8.09 -16.67 -8.48
C PRO E 16 -6.90 -17.62 -8.41
N VAL E 17 -5.68 -17.06 -8.45
CA VAL E 17 -4.49 -17.89 -8.25
C VAL E 17 -3.59 -17.32 -7.15
N ALA E 18 -3.90 -16.12 -6.66
CA ALA E 18 -3.21 -15.58 -5.49
C ALA E 18 -4.10 -14.52 -4.86
N ASN F 1 -15.34 -32.08 31.01
CA ASN F 1 -14.16 -32.72 30.43
C ASN F 1 -12.89 -31.92 30.68
N ALA F 2 -11.98 -32.44 31.50
CA ALA F 2 -10.75 -31.72 31.82
C ALA F 2 -9.69 -32.02 30.77
N HIS F 3 -8.94 -30.98 30.39
CA HIS F 3 -7.93 -31.09 29.35
C HIS F 3 -6.59 -30.54 29.83
N ASN F 4 -5.52 -31.16 29.34
CA ASN F 4 -4.15 -30.79 29.64
C ASN F 4 -3.44 -30.61 28.30
N PHE F 5 -2.88 -29.42 28.07
CA PHE F 5 -2.55 -29.02 26.70
C PHE F 5 -1.07 -29.21 26.40
N PRO F 6 -0.69 -29.43 25.13
CA PRO F 6 0.75 -29.47 24.78
C PRO F 6 1.43 -28.17 25.15
N LEU F 7 2.63 -28.28 25.72
CA LEU F 7 3.35 -27.08 26.13
C LEU F 7 3.97 -26.32 24.95
N ASP F 8 4.25 -26.99 23.83
CA ASP F 8 4.93 -26.36 22.68
C ASP F 8 4.27 -26.81 21.39
N LEU F 9 4.16 -25.89 20.44
CA LEU F 9 3.69 -26.19 19.09
C LEU F 9 4.68 -25.58 18.10
N ALA F 10 4.76 -26.17 16.90
CA ALA F 10 5.62 -25.61 15.87
C ALA F 10 5.03 -25.87 14.49
N SER F 11 5.14 -24.87 13.60
CA SER F 11 4.75 -25.10 12.21
C SER F 11 5.54 -26.26 11.60
N ALA F 12 6.82 -26.40 11.97
CA ALA F 12 7.62 -27.47 11.39
C ALA F 12 7.09 -28.86 11.73
N GLU F 13 6.33 -29.02 12.81
CA GLU F 13 5.78 -30.34 13.14
C GLU F 13 4.68 -30.78 12.17
N SER F 14 4.21 -29.90 11.28
CA SER F 14 3.31 -30.36 10.24
C SER F 14 4.04 -30.66 8.91
N ALA F 15 5.37 -30.85 8.97
CA ALA F 15 6.25 -31.12 7.83
C ALA F 15 5.88 -30.32 6.59
N PRO F 16 5.76 -28.98 6.68
CA PRO F 16 5.36 -28.22 5.48
C PRO F 16 6.41 -28.35 4.40
N VAL F 17 5.94 -28.37 3.15
CA VAL F 17 6.80 -28.51 1.99
C VAL F 17 7.02 -27.16 1.33
#